data_7QQA
#
_entry.id   7QQA
#
_cell.length_a   48.677
_cell.length_b   80.366
_cell.length_c   80.024
_cell.angle_alpha   68.570
_cell.angle_beta   75.850
_cell.angle_gamma   76.030
#
_symmetry.space_group_name_H-M   'P 1'
#
loop_
_entity.id
_entity.type
_entity.pdbx_description
1 polymer 'Nitrogenase iron protein'
2 non-polymer "ADENOSINE-5'-DIPHOSPHATE"
3 non-polymer 'MAGNESIUM ION'
4 non-polymer 'IRON/SULFUR CLUSTER'
5 water water
#
_entity_poly.entity_id   1
_entity_poly.type   'polypeptide(L)'
_entity_poly.pdbx_seq_one_letter_code
;TRKVAIYGKGGIGKSTTTQNTAAALAYFHDKKVFIHGCDPKADSTRLILGGKPQETLMDMLRDKGAEKITNDDVIKKGFL
DIQCVESGGPEPGVGCAGRGVITAIDLMEENGAYTDDLDFVFFDVLGDVVCGGFAMPIRDGKAQEVYIVASGEMMAIYAA
NNICKGLVKYAKQSGVRLGGIICNSRKVDGEREFLEEFTAAIGTKMIHFVPRDNIVQKAEFNKKTVTEFAPEENQAKEYG
ELARKIIENDEFVIPKPLTMDQLEDMVVKYGIAD
;
_entity_poly.pdbx_strand_id   A,B,C,D
#
# COMPACT_ATOMS: atom_id res chain seq x y z
N THR A 1 -38.31 15.08 2.49
CA THR A 1 -37.79 14.00 1.61
C THR A 1 -37.28 12.89 2.51
N ARG A 2 -37.69 11.64 2.24
CA ARG A 2 -37.13 10.46 2.95
C ARG A 2 -35.87 10.01 2.23
N LYS A 3 -34.76 9.97 2.96
CA LYS A 3 -33.42 9.59 2.47
C LYS A 3 -33.18 8.15 2.94
N VAL A 4 -33.16 7.21 2.02
CA VAL A 4 -33.22 5.75 2.30
C VAL A 4 -31.95 5.12 1.74
N ALA A 5 -31.22 4.37 2.55
CA ALA A 5 -30.04 3.60 2.12
C ALA A 5 -30.43 2.11 2.10
N ILE A 6 -30.14 1.45 0.97
CA ILE A 6 -30.37 0.00 0.74
C ILE A 6 -29.00 -0.68 0.77
N TYR A 7 -28.81 -1.58 1.73
CA TYR A 7 -27.56 -2.32 1.97
C TYR A 7 -27.85 -3.82 1.87
N GLY A 8 -26.80 -4.62 1.81
CA GLY A 8 -26.91 -6.07 1.63
C GLY A 8 -25.67 -6.60 0.96
N LYS A 9 -25.51 -7.93 1.00
CA LYS A 9 -24.38 -8.62 0.34
C LYS A 9 -24.47 -8.44 -1.18
N GLY A 10 -23.31 -8.43 -1.88
CA GLY A 10 -23.27 -8.50 -3.35
C GLY A 10 -24.17 -9.59 -3.92
N GLY A 11 -24.99 -9.30 -4.93
CA GLY A 11 -25.80 -10.31 -5.63
C GLY A 11 -27.11 -10.61 -4.95
N ILE A 12 -27.42 -9.97 -3.82
CA ILE A 12 -28.62 -10.30 -2.99
C ILE A 12 -29.91 -9.72 -3.61
N GLY A 13 -29.80 -8.67 -4.45
CA GLY A 13 -30.96 -8.04 -5.11
C GLY A 13 -31.12 -6.57 -4.73
N LYS A 14 -30.07 -5.90 -4.28
CA LYS A 14 -30.17 -4.46 -3.90
C LYS A 14 -30.71 -3.64 -5.08
N SER A 15 -30.11 -3.73 -6.26
CA SER A 15 -30.43 -2.85 -7.41
C SER A 15 -31.77 -3.29 -8.04
N THR A 16 -32.05 -4.58 -8.08
CA THR A 16 -33.36 -5.11 -8.52
C THR A 16 -34.45 -4.55 -7.60
N THR A 17 -34.27 -4.68 -6.28
CA THR A 17 -35.23 -4.23 -5.26
C THR A 17 -35.41 -2.70 -5.34
N THR A 18 -34.30 -1.96 -5.38
CA THR A 18 -34.31 -0.48 -5.38
C THR A 18 -35.05 0.02 -6.63
N GLN A 19 -34.67 -0.43 -7.81
CA GLN A 19 -35.18 0.08 -9.10
C GLN A 19 -36.69 -0.26 -9.19
N ASN A 20 -37.07 -1.47 -8.83
CA ASN A 20 -38.46 -1.95 -8.93
C ASN A 20 -39.33 -1.20 -7.95
N THR A 21 -38.83 -1.00 -6.73
CA THR A 21 -39.51 -0.22 -5.65
C THR A 21 -39.65 1.23 -6.12
N ALA A 22 -38.59 1.82 -6.69
CA ALA A 22 -38.59 3.20 -7.19
C ALA A 22 -39.67 3.34 -8.26
N ALA A 23 -39.72 2.42 -9.21
CA ALA A 23 -40.70 2.39 -10.32
C ALA A 23 -42.12 2.22 -9.76
N ALA A 24 -42.31 1.34 -8.77
CA ALA A 24 -43.61 1.09 -8.11
C ALA A 24 -44.05 2.34 -7.34
N LEU A 25 -43.14 3.02 -6.63
CA LEU A 25 -43.45 4.25 -5.88
C LEU A 25 -43.95 5.34 -6.86
N ALA A 26 -43.31 5.49 -8.03
CA ALA A 26 -43.68 6.49 -9.04
C ALA A 26 -45.02 6.12 -9.69
N TYR A 27 -45.18 4.85 -10.07
CA TYR A 27 -46.30 4.37 -10.92
C TYR A 27 -47.58 4.22 -10.09
N PHE A 28 -47.50 3.49 -8.97
CA PHE A 28 -48.67 3.10 -8.13
C PHE A 28 -48.96 4.16 -7.06
N HIS A 29 -47.98 4.98 -6.63
CA HIS A 29 -48.13 5.87 -5.45
C HIS A 29 -47.84 7.33 -5.76
N ASP A 30 -47.58 7.65 -7.03
CA ASP A 30 -47.41 9.04 -7.52
C ASP A 30 -46.28 9.76 -6.75
N LYS A 31 -45.15 9.09 -6.52
CA LYS A 31 -44.03 9.65 -5.71
C LYS A 31 -42.90 10.11 -6.64
N LYS A 32 -42.23 11.19 -6.26
CA LYS A 32 -41.01 11.69 -6.94
C LYS A 32 -39.79 11.00 -6.31
N VAL A 33 -39.07 10.23 -7.11
CA VAL A 33 -37.97 9.34 -6.63
C VAL A 33 -36.67 9.67 -7.34
N PHE A 34 -35.59 9.69 -6.56
CA PHE A 34 -34.17 9.86 -6.99
C PHE A 34 -33.42 8.58 -6.56
N ILE A 35 -32.69 7.95 -7.47
CA ILE A 35 -31.80 6.79 -7.15
C ILE A 35 -30.35 7.24 -7.29
N HIS A 36 -29.55 7.11 -6.23
CA HIS A 36 -28.10 7.42 -6.23
C HIS A 36 -27.32 6.11 -6.05
N GLY A 37 -26.79 5.56 -7.14
CA GLY A 37 -25.94 4.35 -7.15
C GLY A 37 -24.63 4.57 -6.40
N CYS A 38 -24.41 3.78 -5.34
CA CYS A 38 -23.21 3.83 -4.45
C CYS A 38 -22.56 2.44 -4.42
N ASP A 39 -22.55 1.79 -5.58
CA ASP A 39 -22.02 0.41 -5.74
C ASP A 39 -21.11 0.46 -6.95
N PRO A 40 -19.81 0.06 -6.80
CA PRO A 40 -18.86 0.09 -7.92
C PRO A 40 -19.35 -0.68 -9.17
N LYS A 41 -20.25 -1.65 -9.00
CA LYS A 41 -20.79 -2.46 -10.12
C LYS A 41 -21.53 -1.54 -11.10
N ALA A 42 -22.08 -0.44 -10.63
CA ALA A 42 -22.51 0.72 -11.45
C ALA A 42 -23.61 0.31 -12.43
N ASP A 43 -24.54 -0.56 -12.03
CA ASP A 43 -25.69 -0.93 -12.89
C ASP A 43 -26.97 -0.69 -12.10
N SER A 44 -26.89 0.17 -11.09
CA SER A 44 -27.96 0.44 -10.11
C SER A 44 -29.12 1.21 -10.78
N THR A 45 -28.89 1.81 -11.97
CA THR A 45 -29.89 2.70 -12.63
C THR A 45 -30.26 2.21 -14.04
N ARG A 46 -29.65 1.14 -14.53
CA ARG A 46 -29.73 0.63 -15.92
C ARG A 46 -31.19 0.41 -16.32
N LEU A 47 -32.03 -0.13 -15.43
CA LEU A 47 -33.42 -0.57 -15.77
C LEU A 47 -34.39 0.60 -15.73
N ILE A 48 -34.12 1.63 -14.92
CA ILE A 48 -34.90 2.89 -14.90
C ILE A 48 -34.59 3.66 -16.21
N LEU A 49 -33.32 3.72 -16.62
CA LEU A 49 -32.84 4.42 -17.84
C LEU A 49 -32.95 3.50 -19.08
N GLY A 50 -33.72 2.42 -19.01
CA GLY A 50 -34.13 1.62 -20.18
C GLY A 50 -32.93 1.01 -20.89
N GLY A 51 -31.87 0.68 -20.13
CA GLY A 51 -30.83 -0.26 -20.57
C GLY A 51 -29.51 0.42 -20.88
N LYS A 52 -29.56 1.69 -21.35
CA LYS A 52 -28.34 2.49 -21.58
C LYS A 52 -27.64 2.63 -20.24
N PRO A 53 -26.36 2.20 -20.13
CA PRO A 53 -25.62 2.37 -18.88
C PRO A 53 -25.25 3.85 -18.73
N GLN A 54 -25.38 4.45 -17.53
CA GLN A 54 -25.13 5.91 -17.43
C GLN A 54 -23.64 6.10 -17.08
N GLU A 55 -23.06 7.20 -17.55
CA GLU A 55 -21.67 7.58 -17.20
C GLU A 55 -21.68 7.79 -15.69
N THR A 56 -20.63 7.34 -15.00
CA THR A 56 -20.45 7.57 -13.55
C THR A 56 -19.87 8.97 -13.36
N LEU A 57 -20.18 9.60 -12.23
CA LEU A 57 -19.62 10.92 -11.85
C LEU A 57 -18.09 10.81 -11.86
N MET A 58 -17.51 9.68 -11.41
CA MET A 58 -16.04 9.60 -11.29
C MET A 58 -15.40 9.61 -12.69
N ASP A 59 -16.00 8.88 -13.63
CA ASP A 59 -15.51 8.78 -15.03
C ASP A 59 -15.59 10.16 -15.70
N MET A 60 -16.62 10.94 -15.42
CA MET A 60 -16.80 12.30 -15.98
C MET A 60 -15.76 13.25 -15.38
N LEU A 61 -15.61 13.29 -14.06
CA LEU A 61 -14.52 14.04 -13.39
C LEU A 61 -13.18 13.70 -14.06
N ARG A 62 -12.97 12.42 -14.41
CA ARG A 62 -11.70 11.91 -15.00
C ARG A 62 -11.50 12.49 -16.41
N ASP A 63 -12.56 12.66 -17.20
CA ASP A 63 -12.50 12.95 -18.67
C ASP A 63 -12.71 14.45 -18.96
N LYS A 64 -13.75 15.06 -18.43
CA LYS A 64 -14.19 16.45 -18.76
C LYS A 64 -13.69 17.41 -17.69
N GLY A 65 -13.69 17.01 -16.40
CA GLY A 65 -13.07 17.80 -15.32
C GLY A 65 -14.10 18.55 -14.48
N ALA A 66 -13.74 18.88 -13.23
CA ALA A 66 -14.66 19.23 -12.13
C ALA A 66 -15.56 20.42 -12.50
N GLU A 67 -14.98 21.53 -12.98
CA GLU A 67 -15.69 22.83 -13.10
C GLU A 67 -16.39 22.93 -14.48
N LYS A 68 -16.43 21.84 -15.24
CA LYS A 68 -17.09 21.73 -16.57
C LYS A 68 -18.20 20.66 -16.54
N ILE A 69 -18.54 20.14 -15.35
CA ILE A 69 -19.59 19.09 -15.19
C ILE A 69 -20.78 19.71 -14.46
N THR A 70 -21.97 19.56 -15.06
CA THR A 70 -23.26 20.16 -14.61
C THR A 70 -24.14 19.03 -14.08
N ASN A 71 -25.20 19.38 -13.36
CA ASN A 71 -26.23 18.41 -12.88
C ASN A 71 -26.70 17.57 -14.07
N ASP A 72 -26.89 18.16 -15.25
CA ASP A 72 -27.49 17.46 -16.42
C ASP A 72 -26.58 16.33 -16.89
N ASP A 73 -25.26 16.46 -16.71
CA ASP A 73 -24.23 15.44 -17.07
C ASP A 73 -24.33 14.22 -16.17
N VAL A 74 -24.64 14.42 -14.88
CA VAL A 74 -24.52 13.33 -13.86
C VAL A 74 -25.91 12.75 -13.55
N ILE A 75 -26.96 13.56 -13.57
CA ILE A 75 -28.35 13.12 -13.27
C ILE A 75 -29.07 12.92 -14.59
N LYS A 76 -29.51 11.69 -14.85
CA LYS A 76 -30.33 11.32 -16.01
C LYS A 76 -31.73 10.97 -15.52
N LYS A 77 -32.74 11.19 -16.34
CA LYS A 77 -34.18 10.91 -16.03
C LYS A 77 -34.60 9.69 -16.82
N GLY A 78 -35.29 8.76 -16.20
CA GLY A 78 -35.75 7.51 -16.83
C GLY A 78 -37.26 7.36 -16.71
N PHE A 79 -37.73 6.13 -16.53
CA PHE A 79 -39.15 5.78 -16.30
C PHE A 79 -39.77 6.78 -15.33
N LEU A 80 -40.85 7.45 -15.78
CA LEU A 80 -41.69 8.41 -15.04
C LEU A 80 -40.82 9.53 -14.44
N ASP A 81 -39.75 9.90 -15.14
CA ASP A 81 -38.79 10.98 -14.75
C ASP A 81 -38.07 10.67 -13.43
N ILE A 82 -37.94 9.40 -13.07
CA ILE A 82 -37.06 9.02 -11.93
C ILE A 82 -35.64 9.49 -12.26
N GLN A 83 -35.05 10.23 -11.36
CA GLN A 83 -33.70 10.83 -11.51
C GLN A 83 -32.68 9.82 -11.02
N CYS A 84 -31.59 9.66 -11.76
CA CYS A 84 -30.59 8.58 -11.58
C CYS A 84 -29.17 9.15 -11.60
N VAL A 85 -28.34 8.74 -10.66
CA VAL A 85 -26.89 9.05 -10.56
C VAL A 85 -26.12 7.74 -10.33
N GLU A 86 -24.95 7.60 -10.92
CA GLU A 86 -23.95 6.55 -10.58
C GLU A 86 -22.70 7.25 -10.07
N SER A 87 -22.36 7.03 -8.80
CA SER A 87 -21.14 7.58 -8.15
C SER A 87 -19.91 7.16 -8.95
N GLY A 88 -19.86 5.88 -9.31
CA GLY A 88 -18.66 5.19 -9.80
C GLY A 88 -17.63 5.06 -8.70
N GLY A 89 -16.40 4.83 -9.10
CA GLY A 89 -15.29 4.67 -8.15
C GLY A 89 -14.04 4.23 -8.89
N PRO A 90 -12.88 4.23 -8.20
CA PRO A 90 -11.62 3.95 -8.87
C PRO A 90 -11.58 2.48 -9.29
N GLU A 91 -10.62 2.17 -10.14
CA GLU A 91 -10.43 0.82 -10.69
C GLU A 91 -10.06 -0.07 -9.51
N PRO A 92 -10.47 -1.36 -9.56
CA PRO A 92 -10.02 -2.33 -8.57
C PRO A 92 -8.49 -2.28 -8.46
N GLY A 93 -8.01 -2.29 -7.24
CA GLY A 93 -6.58 -2.20 -6.89
C GLY A 93 -6.23 -0.79 -6.47
N VAL A 94 -6.90 0.21 -7.06
CA VAL A 94 -6.51 1.66 -7.00
C VAL A 94 -7.31 2.33 -5.87
N GLY A 95 -6.63 2.71 -4.80
CA GLY A 95 -7.22 3.56 -3.75
C GLY A 95 -8.41 2.90 -3.09
N CYS A 96 -9.33 3.71 -2.56
CA CYS A 96 -10.50 3.21 -1.78
C CYS A 96 -11.67 3.00 -2.73
N ALA A 97 -12.26 1.81 -2.74
CA ALA A 97 -13.34 1.45 -3.70
C ALA A 97 -14.56 2.34 -3.48
N GLY A 98 -14.71 2.94 -2.28
CA GLY A 98 -15.84 3.79 -1.87
C GLY A 98 -15.64 5.28 -2.13
N ARG A 99 -14.45 5.69 -2.57
CA ARG A 99 -14.10 7.14 -2.66
C ARG A 99 -15.06 7.90 -3.57
N GLY A 100 -15.60 7.27 -4.61
CA GLY A 100 -16.53 7.90 -5.58
C GLY A 100 -17.84 8.28 -4.93
N VAL A 101 -18.31 7.45 -4.00
CA VAL A 101 -19.57 7.69 -3.25
C VAL A 101 -19.44 9.02 -2.50
N ILE A 102 -18.28 9.30 -1.89
CA ILE A 102 -18.03 10.54 -1.11
C ILE A 102 -18.14 11.74 -2.07
N THR A 103 -17.37 11.72 -3.14
CA THR A 103 -17.31 12.79 -4.16
C THR A 103 -18.73 13.03 -4.68
N ALA A 104 -19.45 11.95 -4.99
CA ALA A 104 -20.79 11.99 -5.63
C ALA A 104 -21.80 12.60 -4.66
N ILE A 105 -21.86 12.12 -3.43
CA ILE A 105 -22.85 12.64 -2.45
C ILE A 105 -22.50 14.10 -2.12
N ASP A 106 -21.22 14.41 -1.91
CA ASP A 106 -20.72 15.80 -1.70
C ASP A 106 -21.22 16.73 -2.83
N LEU A 107 -21.05 16.32 -4.09
CA LEU A 107 -21.45 17.14 -5.27
C LEU A 107 -22.98 17.32 -5.32
N MET A 108 -23.76 16.27 -5.03
CA MET A 108 -25.24 16.36 -5.04
C MET A 108 -25.71 17.29 -3.91
N GLU A 109 -25.03 17.29 -2.76
CA GLU A 109 -25.38 18.20 -1.63
C GLU A 109 -24.99 19.61 -2.01
N GLU A 110 -23.79 19.79 -2.56
CA GLU A 110 -23.28 21.09 -3.06
C GLU A 110 -24.29 21.72 -4.03
N ASN A 111 -24.78 20.96 -5.02
CA ASN A 111 -25.57 21.49 -6.17
C ASN A 111 -27.07 21.40 -5.90
N GLY A 112 -27.50 21.11 -4.67
CA GLY A 112 -28.93 21.04 -4.27
C GLY A 112 -29.75 20.02 -5.08
N ALA A 113 -29.12 18.93 -5.55
CA ALA A 113 -29.75 17.92 -6.43
C ALA A 113 -30.90 17.19 -5.70
N TYR A 114 -30.84 17.08 -4.38
CA TYR A 114 -31.86 16.37 -3.55
C TYR A 114 -32.95 17.37 -3.18
N THR A 115 -33.75 17.77 -4.17
CA THR A 115 -34.71 18.90 -4.04
C THR A 115 -35.81 18.53 -3.04
N ASP A 116 -36.38 19.55 -2.37
CA ASP A 116 -37.36 19.41 -1.27
C ASP A 116 -38.63 18.74 -1.79
N ASP A 117 -38.90 18.79 -3.10
CA ASP A 117 -40.12 18.17 -3.69
C ASP A 117 -39.92 16.66 -3.95
N LEU A 118 -38.72 16.11 -3.71
CA LEU A 118 -38.55 14.63 -3.80
C LEU A 118 -39.25 13.98 -2.61
N ASP A 119 -39.96 12.89 -2.85
CA ASP A 119 -40.55 12.06 -1.77
C ASP A 119 -39.47 11.12 -1.23
N PHE A 120 -38.60 10.60 -2.10
CA PHE A 120 -37.60 9.56 -1.77
C PHE A 120 -36.30 9.74 -2.54
N VAL A 121 -35.18 9.69 -1.80
CA VAL A 121 -33.83 9.41 -2.35
C VAL A 121 -33.43 8.00 -1.88
N PHE A 122 -33.08 7.11 -2.81
CA PHE A 122 -32.51 5.77 -2.52
C PHE A 122 -31.02 5.78 -2.85
N PHE A 123 -30.20 5.50 -1.83
CA PHE A 123 -28.77 5.14 -1.97
C PHE A 123 -28.71 3.61 -2.05
N ASP A 124 -28.27 3.08 -3.18
CA ASP A 124 -28.02 1.64 -3.42
C ASP A 124 -26.53 1.40 -3.11
N VAL A 125 -26.24 0.86 -1.93
CA VAL A 125 -24.88 0.86 -1.35
C VAL A 125 -24.31 -0.57 -1.27
N LEU A 126 -23.09 -0.74 -1.78
CA LEU A 126 -22.32 -1.99 -1.55
C LEU A 126 -22.24 -2.20 -0.04
N GLY A 127 -22.51 -3.41 0.43
CA GLY A 127 -22.61 -3.71 1.87
C GLY A 127 -21.66 -4.84 2.31
N ASP A 128 -20.72 -5.27 1.47
CA ASP A 128 -19.83 -6.42 1.84
C ASP A 128 -18.75 -5.91 2.82
N VAL A 129 -18.41 -4.62 2.75
CA VAL A 129 -17.59 -3.91 3.75
C VAL A 129 -18.37 -2.66 4.12
N VAL A 130 -18.23 -2.20 5.38
CA VAL A 130 -18.93 -0.97 5.87
C VAL A 130 -17.86 0.00 6.35
N CYS A 131 -17.29 0.74 5.41
CA CYS A 131 -16.11 1.62 5.62
C CYS A 131 -16.05 2.58 4.44
N GLY A 132 -15.22 3.61 4.55
CA GLY A 132 -15.03 4.62 3.49
C GLY A 132 -16.36 5.21 3.08
N GLY A 133 -16.49 5.45 1.78
CA GLY A 133 -17.69 6.01 1.15
C GLY A 133 -18.90 5.12 1.35
N PHE A 134 -18.71 3.82 1.54
CA PHE A 134 -19.82 2.85 1.70
C PHE A 134 -20.50 3.08 3.04
N ALA A 135 -19.75 3.58 4.02
CA ALA A 135 -20.29 3.87 5.38
C ALA A 135 -20.89 5.28 5.44
N MET A 136 -20.49 6.18 4.55
CA MET A 136 -20.83 7.62 4.67
C MET A 136 -22.34 7.80 4.86
N PRO A 137 -23.22 7.18 4.04
CA PRO A 137 -24.67 7.38 4.18
C PRO A 137 -25.18 7.12 5.61
N ILE A 138 -24.53 6.23 6.34
CA ILE A 138 -24.91 5.86 7.73
C ILE A 138 -24.14 6.74 8.73
N ARG A 139 -22.84 6.92 8.51
CA ARG A 139 -21.93 7.60 9.47
C ARG A 139 -22.31 9.09 9.51
N ASP A 140 -22.53 9.70 8.34
CA ASP A 140 -22.78 11.16 8.22
C ASP A 140 -24.28 11.44 8.13
N GLY A 141 -25.14 10.43 8.26
CA GLY A 141 -26.60 10.59 8.22
C GLY A 141 -27.11 11.19 6.90
N LYS A 142 -26.53 10.79 5.77
CA LYS A 142 -27.03 11.22 4.43
C LYS A 142 -28.36 10.51 4.15
N ALA A 143 -28.52 9.32 4.72
CA ALA A 143 -29.79 8.58 4.82
C ALA A 143 -30.14 8.50 6.31
N GLN A 144 -31.42 8.68 6.60
CA GLN A 144 -32.00 8.59 7.96
C GLN A 144 -32.54 7.17 8.17
N GLU A 145 -32.99 6.51 7.10
CA GLU A 145 -33.54 5.15 7.23
C GLU A 145 -32.79 4.18 6.31
N VAL A 146 -32.58 2.97 6.84
CA VAL A 146 -31.89 1.85 6.16
C VAL A 146 -32.88 0.70 6.00
N TYR A 147 -32.92 0.07 4.84
CA TYR A 147 -33.47 -1.30 4.70
C TYR A 147 -32.33 -2.20 4.22
N ILE A 148 -32.28 -3.42 4.75
CA ILE A 148 -31.21 -4.38 4.37
C ILE A 148 -31.93 -5.50 3.63
N VAL A 149 -31.46 -5.78 2.42
CA VAL A 149 -31.91 -6.92 1.61
C VAL A 149 -31.13 -8.15 2.08
N ALA A 150 -31.85 -9.22 2.35
CA ALA A 150 -31.26 -10.51 2.74
C ALA A 150 -32.11 -11.63 2.17
N SER A 151 -31.70 -12.85 2.45
CA SER A 151 -32.35 -14.10 2.00
C SER A 151 -32.03 -15.18 3.03
N GLY A 152 -32.53 -16.38 2.79
CA GLY A 152 -32.25 -17.58 3.59
C GLY A 152 -30.89 -18.12 3.22
N GLU A 153 -29.82 -17.40 3.54
CA GLU A 153 -28.44 -17.93 3.43
C GLU A 153 -27.54 -17.28 4.48
N MET A 154 -26.57 -18.04 4.99
CA MET A 154 -25.66 -17.61 6.07
C MET A 154 -25.02 -16.28 5.68
N MET A 155 -24.50 -16.17 4.46
CA MET A 155 -23.65 -15.01 4.11
C MET A 155 -24.53 -13.75 4.03
N ALA A 156 -25.80 -13.90 3.61
CA ALA A 156 -26.76 -12.81 3.48
C ALA A 156 -27.08 -12.24 4.86
N ILE A 157 -27.31 -13.14 5.86
CA ILE A 157 -27.66 -12.68 7.22
C ILE A 157 -26.39 -12.24 7.93
N TYR A 158 -25.24 -12.88 7.68
CA TYR A 158 -23.93 -12.38 8.19
C TYR A 158 -23.78 -10.92 7.74
N ALA A 159 -23.97 -10.62 6.46
CA ALA A 159 -23.79 -9.24 5.92
C ALA A 159 -24.78 -8.29 6.60
N ALA A 160 -26.05 -8.69 6.73
CA ALA A 160 -27.13 -7.93 7.41
C ALA A 160 -26.70 -7.55 8.82
N ASN A 161 -26.27 -8.56 9.57
CA ASN A 161 -25.78 -8.43 10.97
C ASN A 161 -24.60 -7.44 11.05
N ASN A 162 -23.65 -7.56 10.13
CA ASN A 162 -22.46 -6.68 10.06
C ASN A 162 -22.91 -5.24 9.79
N ILE A 163 -23.82 -5.06 8.84
CA ILE A 163 -24.37 -3.71 8.55
C ILE A 163 -25.02 -3.15 9.82
N CYS A 164 -25.74 -3.99 10.56
CA CYS A 164 -26.41 -3.58 11.82
C CYS A 164 -25.38 -3.09 12.86
N LYS A 165 -24.19 -3.67 12.89
CA LYS A 165 -23.10 -3.21 13.80
C LYS A 165 -22.71 -1.78 13.42
N GLY A 166 -22.64 -1.48 12.12
CA GLY A 166 -22.42 -0.11 11.61
C GLY A 166 -23.45 0.87 12.12
N LEU A 167 -24.73 0.50 12.04
CA LEU A 167 -25.88 1.31 12.50
C LEU A 167 -25.78 1.56 14.01
N VAL A 168 -25.47 0.54 14.80
CA VAL A 168 -25.31 0.67 16.27
C VAL A 168 -24.24 1.74 16.53
N LYS A 169 -23.08 1.65 15.87
CA LYS A 169 -21.93 2.56 16.12
C LYS A 169 -22.37 4.03 15.89
N TYR A 170 -23.19 4.31 14.87
CA TYR A 170 -23.45 5.70 14.39
C TYR A 170 -24.85 6.19 14.74
N ALA A 171 -25.61 5.40 15.48
CA ALA A 171 -27.04 5.64 15.83
C ALA A 171 -27.22 7.01 16.49
N LYS A 172 -26.37 7.34 17.48
CA LYS A 172 -26.51 8.60 18.28
C LYS A 172 -25.91 9.78 17.52
N GLN A 173 -24.74 9.61 16.91
CA GLN A 173 -24.08 10.62 16.05
C GLN A 173 -25.03 11.12 14.94
N SER A 174 -25.58 10.20 14.13
CA SER A 174 -26.16 10.48 12.79
C SER A 174 -27.70 10.45 12.84
N GLY A 175 -28.27 9.74 13.82
CA GLY A 175 -29.72 9.57 13.94
C GLY A 175 -30.23 8.47 13.00
N VAL A 176 -29.33 7.75 12.32
CA VAL A 176 -29.72 6.69 11.34
C VAL A 176 -30.45 5.57 12.09
N ARG A 177 -31.48 5.00 11.47
CA ARG A 177 -32.29 3.90 12.06
C ARG A 177 -32.53 2.80 11.01
N LEU A 178 -32.73 1.57 11.46
CA LEU A 178 -33.12 0.42 10.62
C LEU A 178 -34.64 0.38 10.52
N GLY A 179 -35.17 0.37 9.29
CA GLY A 179 -36.63 0.34 9.01
C GLY A 179 -37.14 -1.05 8.77
N GLY A 180 -36.24 -2.03 8.55
CA GLY A 180 -36.68 -3.39 8.19
C GLY A 180 -35.67 -4.16 7.39
N ILE A 181 -35.87 -5.47 7.33
CA ILE A 181 -35.18 -6.40 6.40
C ILE A 181 -36.19 -6.72 5.30
N ILE A 182 -35.75 -6.60 4.05
CA ILE A 182 -36.48 -7.10 2.87
C ILE A 182 -35.91 -8.47 2.56
N CYS A 183 -36.76 -9.49 2.60
CA CYS A 183 -36.41 -10.84 2.12
C CYS A 183 -36.56 -10.86 0.60
N ASN A 184 -35.44 -10.84 -0.13
CA ASN A 184 -35.45 -11.12 -1.59
C ASN A 184 -35.23 -12.62 -1.74
N SER A 185 -36.31 -13.39 -1.89
CA SER A 185 -36.33 -14.86 -1.81
C SER A 185 -35.32 -15.51 -2.74
N ARG A 186 -34.60 -16.52 -2.25
CA ARG A 186 -33.77 -17.40 -3.11
C ARG A 186 -34.44 -18.78 -3.18
N LYS A 187 -35.74 -18.84 -2.91
CA LYS A 187 -36.61 -20.02 -3.18
C LYS A 187 -36.08 -21.22 -2.38
N VAL A 188 -35.80 -21.04 -1.08
CA VAL A 188 -35.32 -22.11 -0.17
C VAL A 188 -36.32 -22.28 0.97
N ASP A 189 -36.53 -23.51 1.44
CA ASP A 189 -37.51 -23.80 2.53
C ASP A 189 -36.94 -23.29 3.85
N GLY A 190 -37.80 -22.75 4.72
CA GLY A 190 -37.39 -22.19 6.03
C GLY A 190 -37.07 -20.70 5.97
N GLU A 191 -36.85 -20.17 4.75
CA GLU A 191 -36.39 -18.78 4.49
C GLU A 191 -37.24 -17.79 5.28
N ARG A 192 -38.57 -17.83 5.12
CA ARG A 192 -39.50 -16.87 5.75
C ARG A 192 -39.42 -16.99 7.28
N GLU A 193 -39.44 -18.21 7.81
CA GLU A 193 -39.44 -18.51 9.26
C GLU A 193 -38.09 -18.05 9.85
N PHE A 194 -37.01 -18.37 9.15
CA PHE A 194 -35.62 -17.94 9.49
C PHE A 194 -35.59 -16.41 9.68
N LEU A 195 -36.11 -15.66 8.72
CA LEU A 195 -35.97 -14.18 8.72
C LEU A 195 -36.94 -13.54 9.71
N GLU A 196 -38.05 -14.19 9.99
CA GLU A 196 -39.00 -13.76 11.05
C GLU A 196 -38.22 -13.77 12.39
N GLU A 197 -37.50 -14.85 12.66
CA GLU A 197 -36.71 -15.06 13.90
C GLU A 197 -35.52 -14.11 13.92
N PHE A 198 -34.81 -13.97 12.80
CA PHE A 198 -33.60 -13.10 12.70
C PHE A 198 -34.02 -11.66 13.03
N THR A 199 -35.08 -11.20 12.38
CA THR A 199 -35.56 -9.81 12.53
C THR A 199 -36.05 -9.57 13.98
N ALA A 200 -36.78 -10.51 14.58
CA ALA A 200 -37.24 -10.39 15.97
C ALA A 200 -36.00 -10.24 16.88
N ALA A 201 -35.00 -11.10 16.70
CA ALA A 201 -33.77 -11.17 17.54
C ALA A 201 -33.01 -9.84 17.49
N ILE A 202 -32.89 -9.19 16.31
CA ILE A 202 -32.14 -7.91 16.17
C ILE A 202 -33.07 -6.71 16.45
N GLY A 203 -34.37 -6.95 16.65
CA GLY A 203 -35.30 -5.91 17.11
C GLY A 203 -35.96 -5.15 15.98
N THR A 204 -36.04 -5.73 14.78
CA THR A 204 -36.77 -5.10 13.64
C THR A 204 -37.83 -6.10 13.13
N LYS A 205 -38.24 -5.95 11.88
CA LYS A 205 -39.27 -6.75 11.21
C LYS A 205 -38.79 -7.08 9.80
N MET A 206 -39.26 -8.19 9.23
CA MET A 206 -39.14 -8.46 7.78
C MET A 206 -40.30 -7.74 7.14
N ILE A 207 -40.02 -6.58 6.54
CA ILE A 207 -41.06 -5.62 6.09
C ILE A 207 -41.82 -6.21 4.90
N HIS A 208 -41.16 -7.04 4.07
CA HIS A 208 -41.80 -7.66 2.90
C HIS A 208 -40.99 -8.84 2.38
N PHE A 209 -41.71 -9.88 1.90
CA PHE A 209 -41.13 -11.05 1.22
C PHE A 209 -41.30 -10.87 -0.29
N VAL A 210 -40.20 -10.62 -0.99
CA VAL A 210 -40.20 -10.47 -2.47
C VAL A 210 -39.92 -11.84 -3.09
N PRO A 211 -40.89 -12.45 -3.78
CA PRO A 211 -40.71 -13.76 -4.41
C PRO A 211 -39.62 -13.70 -5.49
N ARG A 212 -38.93 -14.81 -5.69
CA ARG A 212 -38.09 -15.07 -6.89
C ARG A 212 -39.03 -15.33 -8.07
N ASP A 213 -38.97 -14.50 -9.12
CA ASP A 213 -39.90 -14.60 -10.27
C ASP A 213 -39.15 -14.30 -11.57
N ASN A 214 -39.25 -15.23 -12.53
CA ASN A 214 -38.62 -15.22 -13.89
C ASN A 214 -38.91 -13.91 -14.64
N ILE A 215 -40.05 -13.26 -14.31
CA ILE A 215 -40.50 -11.99 -14.94
C ILE A 215 -39.40 -10.94 -14.79
N VAL A 216 -38.59 -11.00 -13.71
CA VAL A 216 -37.46 -10.05 -13.49
C VAL A 216 -36.49 -10.14 -14.66
N GLN A 217 -36.07 -11.36 -15.05
CA GLN A 217 -35.12 -11.58 -16.19
C GLN A 217 -35.78 -11.25 -17.54
N LYS A 218 -37.08 -11.52 -17.70
CA LYS A 218 -37.84 -11.15 -18.91
C LYS A 218 -37.83 -9.62 -19.03
N ALA A 219 -38.07 -8.91 -17.93
CA ALA A 219 -38.10 -7.43 -17.89
C ALA A 219 -36.68 -6.90 -18.13
N GLU A 220 -35.65 -7.54 -17.57
CA GLU A 220 -34.24 -7.11 -17.78
C GLU A 220 -33.91 -7.17 -19.27
N PHE A 221 -34.31 -8.25 -19.96
CA PHE A 221 -34.08 -8.48 -21.41
C PHE A 221 -34.72 -7.34 -22.22
N ASN A 222 -35.85 -6.82 -21.75
CA ASN A 222 -36.56 -5.66 -22.36
C ASN A 222 -36.08 -4.33 -21.75
N LYS A 223 -34.99 -4.34 -20.99
CA LYS A 223 -34.29 -3.14 -20.47
C LYS A 223 -35.21 -2.36 -19.51
N LYS A 224 -36.01 -3.07 -18.71
CA LYS A 224 -37.07 -2.45 -17.90
C LYS A 224 -37.14 -3.10 -16.53
N THR A 225 -37.65 -2.34 -15.57
CA THR A 225 -38.18 -2.85 -14.29
C THR A 225 -39.45 -3.64 -14.60
N VAL A 226 -39.93 -4.39 -13.63
CA VAL A 226 -41.15 -5.24 -13.77
C VAL A 226 -42.36 -4.33 -13.87
N THR A 227 -42.39 -3.24 -13.08
CA THR A 227 -43.53 -2.30 -13.05
C THR A 227 -43.66 -1.67 -14.42
N GLU A 228 -42.55 -1.25 -15.04
CA GLU A 228 -42.61 -0.64 -16.39
C GLU A 228 -43.04 -1.73 -17.41
N PHE A 229 -42.40 -2.90 -17.37
CA PHE A 229 -42.58 -3.97 -18.38
C PHE A 229 -44.00 -4.54 -18.36
N ALA A 230 -44.59 -4.72 -17.18
CA ALA A 230 -45.83 -5.51 -16.97
C ALA A 230 -46.44 -5.19 -15.61
N PRO A 231 -47.06 -4.01 -15.46
CA PRO A 231 -47.57 -3.57 -14.17
C PRO A 231 -48.74 -4.39 -13.60
N GLU A 232 -49.32 -5.29 -14.40
CA GLU A 232 -50.46 -6.15 -13.94
C GLU A 232 -49.93 -7.49 -13.41
N GLU A 233 -48.65 -7.77 -13.64
CA GLU A 233 -48.00 -9.02 -13.14
C GLU A 233 -47.97 -8.99 -11.61
N ASN A 234 -48.08 -10.17 -10.99
CA ASN A 234 -48.02 -10.35 -9.52
C ASN A 234 -46.75 -9.67 -8.99
N GLN A 235 -45.62 -9.82 -9.67
CA GLN A 235 -44.31 -9.32 -9.16
C GLN A 235 -44.34 -7.78 -9.11
N ALA A 236 -44.95 -7.12 -10.09
CA ALA A 236 -45.17 -5.64 -10.06
C ALA A 236 -45.99 -5.28 -8.82
N LYS A 237 -47.03 -6.07 -8.53
CA LYS A 237 -47.94 -5.85 -7.38
C LYS A 237 -47.18 -6.03 -6.06
N GLU A 238 -46.25 -6.97 -6.03
CA GLU A 238 -45.36 -7.21 -4.86
C GLU A 238 -44.51 -5.95 -4.59
N TYR A 239 -43.94 -5.33 -5.63
CA TYR A 239 -43.13 -4.10 -5.46
C TYR A 239 -44.05 -2.95 -5.05
N GLY A 240 -45.27 -2.90 -5.58
CA GLY A 240 -46.27 -1.90 -5.19
C GLY A 240 -46.59 -2.01 -3.71
N GLU A 241 -46.69 -3.25 -3.21
CA GLU A 241 -46.96 -3.54 -1.78
C GLU A 241 -45.73 -3.16 -0.93
N LEU A 242 -44.52 -3.54 -1.35
CA LEU A 242 -43.27 -3.13 -0.65
C LEU A 242 -43.25 -1.61 -0.58
N ALA A 243 -43.53 -0.95 -1.71
CA ALA A 243 -43.55 0.52 -1.82
C ALA A 243 -44.51 1.09 -0.76
N ARG A 244 -45.72 0.51 -0.66
CA ARG A 244 -46.78 0.99 0.30
C ARG A 244 -46.23 0.94 1.75
N LYS A 245 -45.63 -0.19 2.12
CA LYS A 245 -45.16 -0.48 3.49
C LYS A 245 -44.01 0.43 3.85
N ILE A 246 -43.16 0.77 2.87
CA ILE A 246 -42.07 1.78 3.07
C ILE A 246 -42.72 3.16 3.30
N ILE A 247 -43.63 3.59 2.43
CA ILE A 247 -44.36 4.87 2.62
C ILE A 247 -44.92 4.92 4.05
N GLU A 248 -45.58 3.85 4.51
CA GLU A 248 -46.37 3.87 5.77
C GLU A 248 -45.52 3.48 6.98
N ASN A 249 -44.25 3.07 6.79
CA ASN A 249 -43.41 2.53 7.89
C ASN A 249 -43.30 3.59 8.98
N ASP A 250 -43.52 3.23 10.23
CA ASP A 250 -43.28 4.12 11.41
C ASP A 250 -42.42 3.40 12.46
N GLU A 251 -41.81 2.25 12.11
CA GLU A 251 -41.02 1.42 13.04
C GLU A 251 -39.54 1.47 12.67
N PHE A 252 -38.81 2.41 13.25
CA PHE A 252 -37.37 2.64 12.99
C PHE A 252 -36.57 2.40 14.27
N VAL A 253 -35.64 1.45 14.26
CA VAL A 253 -34.95 0.95 15.48
C VAL A 253 -33.43 1.09 15.36
N ILE A 254 -32.77 1.08 16.51
CA ILE A 254 -31.33 0.75 16.61
C ILE A 254 -31.32 -0.77 16.79
N PRO A 255 -30.75 -1.53 15.84
CA PRO A 255 -30.80 -2.98 15.91
C PRO A 255 -29.84 -3.53 16.99
N LYS A 256 -30.00 -4.81 17.30
CA LYS A 256 -29.23 -5.56 18.31
C LYS A 256 -28.51 -6.69 17.60
N PRO A 257 -27.30 -6.45 17.09
CA PRO A 257 -26.56 -7.44 16.33
C PRO A 257 -26.32 -8.74 17.12
N LEU A 258 -26.25 -9.85 16.42
CA LEU A 258 -26.05 -11.20 17.01
C LEU A 258 -24.56 -11.52 16.99
N THR A 259 -24.14 -12.51 17.79
CA THR A 259 -22.76 -13.07 17.75
C THR A 259 -22.71 -14.04 16.58
N MET A 260 -21.51 -14.41 16.13
CA MET A 260 -21.32 -15.49 15.13
C MET A 260 -22.04 -16.78 15.61
N ASP A 261 -21.94 -17.12 16.90
CA ASP A 261 -22.54 -18.37 17.43
C ASP A 261 -24.07 -18.32 17.25
N GLN A 262 -24.70 -17.20 17.58
CA GLN A 262 -26.16 -17.00 17.46
C GLN A 262 -26.59 -17.11 16.00
N LEU A 263 -25.86 -16.50 15.05
CA LEU A 263 -26.18 -16.63 13.61
C LEU A 263 -26.11 -18.13 13.20
N GLU A 264 -25.03 -18.81 13.55
CA GLU A 264 -24.82 -20.24 13.18
C GLU A 264 -25.93 -21.11 13.80
N ASP A 265 -26.31 -20.87 15.06
CA ASP A 265 -27.36 -21.63 15.77
C ASP A 265 -28.70 -21.39 15.05
N MET A 266 -28.98 -20.16 14.63
CA MET A 266 -30.29 -19.81 14.00
C MET A 266 -30.38 -20.42 12.59
N VAL A 267 -29.27 -20.48 11.86
CA VAL A 267 -29.20 -21.16 10.53
C VAL A 267 -29.56 -22.65 10.71
N VAL A 268 -28.93 -23.33 11.67
CA VAL A 268 -29.16 -24.80 11.83
C VAL A 268 -30.59 -25.05 12.37
N LYS A 269 -31.15 -24.11 13.15
CA LYS A 269 -32.51 -24.23 13.72
C LYS A 269 -33.57 -24.31 12.62
N TYR A 270 -33.38 -23.65 11.47
CA TYR A 270 -34.39 -23.60 10.38
C TYR A 270 -33.95 -24.45 9.19
N GLY A 271 -32.82 -25.17 9.33
CA GLY A 271 -32.31 -26.10 8.30
C GLY A 271 -32.07 -25.40 6.98
N ILE A 272 -31.53 -24.17 7.06
CA ILE A 272 -31.00 -23.40 5.90
C ILE A 272 -29.64 -24.03 5.54
N ALA A 273 -29.46 -24.43 4.27
CA ALA A 273 -28.25 -25.16 3.77
C ALA A 273 -27.33 -24.23 2.95
N THR B 1 9.81 -20.54 -0.38
CA THR B 1 8.40 -20.61 0.08
C THR B 1 7.50 -20.01 -1.01
N ARG B 2 6.45 -20.73 -1.42
CA ARG B 2 5.43 -20.18 -2.36
C ARG B 2 4.38 -19.42 -1.56
N LYS B 3 4.20 -18.14 -1.90
CA LYS B 3 3.26 -17.22 -1.22
C LYS B 3 2.04 -17.09 -2.13
N VAL B 4 0.90 -17.61 -1.65
CA VAL B 4 -0.34 -17.82 -2.46
C VAL B 4 -1.45 -17.01 -1.83
N ALA B 5 -2.11 -16.16 -2.62
CA ALA B 5 -3.32 -15.44 -2.19
C ALA B 5 -4.52 -16.08 -2.86
N ILE B 6 -5.55 -16.37 -2.06
CA ILE B 6 -6.87 -16.91 -2.52
C ILE B 6 -7.89 -15.79 -2.41
N TYR B 7 -8.46 -15.40 -3.55
CA TYR B 7 -9.48 -14.32 -3.66
C TYR B 7 -10.79 -14.89 -4.20
N GLY B 8 -11.86 -14.14 -4.06
CA GLY B 8 -13.20 -14.58 -4.49
C GLY B 8 -14.27 -13.84 -3.73
N LYS B 9 -15.52 -13.90 -4.20
CA LYS B 9 -16.66 -13.23 -3.52
C LYS B 9 -16.91 -13.92 -2.17
N GLY B 10 -17.50 -13.19 -1.21
CA GLY B 10 -17.99 -13.75 0.06
C GLY B 10 -18.87 -14.96 -0.16
N GLY B 11 -18.63 -16.05 0.58
CA GLY B 11 -19.51 -17.24 0.59
C GLY B 11 -19.21 -18.20 -0.56
N ILE B 12 -18.18 -17.92 -1.35
CA ILE B 12 -17.88 -18.72 -2.59
C ILE B 12 -17.16 -20.03 -2.22
N GLY B 13 -16.50 -20.09 -1.06
CA GLY B 13 -15.74 -21.27 -0.60
C GLY B 13 -14.24 -21.02 -0.50
N LYS B 14 -13.81 -19.76 -0.34
CA LYS B 14 -12.38 -19.43 -0.14
C LYS B 14 -11.81 -20.23 1.03
N SER B 15 -12.43 -20.16 2.21
CA SER B 15 -11.86 -20.75 3.46
C SER B 15 -11.99 -22.28 3.42
N THR B 16 -13.09 -22.83 2.89
CA THR B 16 -13.26 -24.28 2.68
C THR B 16 -12.15 -24.79 1.75
N THR B 17 -11.96 -24.12 0.61
CA THR B 17 -10.95 -24.50 -0.42
C THR B 17 -9.54 -24.37 0.18
N THR B 18 -9.23 -23.25 0.83
CA THR B 18 -7.88 -22.99 1.40
C THR B 18 -7.55 -24.04 2.46
N GLN B 19 -8.43 -24.24 3.44
CA GLN B 19 -8.18 -25.16 4.58
C GLN B 19 -8.03 -26.61 4.06
N ASN B 20 -8.90 -27.05 3.16
CA ASN B 20 -8.90 -28.44 2.62
C ASN B 20 -7.65 -28.65 1.78
N THR B 21 -7.28 -27.66 0.95
CA THR B 21 -6.05 -27.68 0.12
C THR B 21 -4.83 -27.71 1.04
N ALA B 22 -4.81 -26.87 2.09
CA ALA B 22 -3.70 -26.82 3.07
C ALA B 22 -3.55 -28.20 3.72
N ALA B 23 -4.65 -28.81 4.15
CA ALA B 23 -4.68 -30.15 4.81
C ALA B 23 -4.18 -31.22 3.83
N ALA B 24 -4.61 -31.14 2.57
CA ALA B 24 -4.21 -32.08 1.49
C ALA B 24 -2.74 -31.93 1.15
N LEU B 25 -2.21 -30.70 1.11
CA LEU B 25 -0.76 -30.45 0.86
C LEU B 25 0.07 -31.10 1.99
N ALA B 26 -0.37 -30.98 3.24
CA ALA B 26 0.36 -31.52 4.41
C ALA B 26 0.26 -33.06 4.42
N TYR B 27 -0.92 -33.60 4.17
CA TYR B 27 -1.24 -35.04 4.37
C TYR B 27 -0.72 -35.86 3.17
N PHE B 28 -1.06 -35.46 1.95
CA PHE B 28 -0.79 -36.21 0.70
C PHE B 28 0.57 -35.85 0.09
N HIS B 29 1.12 -34.67 0.37
CA HIS B 29 2.34 -34.16 -0.33
C HIS B 29 3.45 -33.77 0.65
N ASP B 30 3.26 -34.00 1.94
CA ASP B 30 4.29 -33.81 2.99
C ASP B 30 4.82 -32.36 2.96
N LYS B 31 3.92 -31.37 2.88
CA LYS B 31 4.29 -29.93 2.78
C LYS B 31 4.07 -29.25 4.12
N LYS B 32 4.94 -28.28 4.45
CA LYS B 32 4.77 -27.37 5.60
C LYS B 32 3.94 -26.17 5.15
N VAL B 33 2.77 -25.97 5.76
CA VAL B 33 1.79 -24.96 5.30
C VAL B 33 1.48 -23.98 6.44
N PHE B 34 1.37 -22.70 6.10
CA PHE B 34 0.93 -21.58 6.96
C PHE B 34 -0.32 -20.96 6.34
N ILE B 35 -1.40 -20.80 7.10
CA ILE B 35 -2.63 -20.10 6.61
C ILE B 35 -2.74 -18.77 7.35
N HIS B 36 -2.82 -17.66 6.61
CA HIS B 36 -3.03 -16.31 7.17
C HIS B 36 -4.39 -15.78 6.71
N GLY B 37 -5.39 -15.85 7.58
CA GLY B 37 -6.74 -15.30 7.35
C GLY B 37 -6.72 -13.79 7.20
N CYS B 38 -7.18 -13.28 6.04
CA CYS B 38 -7.22 -11.84 5.65
C CYS B 38 -8.66 -11.48 5.26
N ASP B 39 -9.59 -12.03 6.00
CA ASP B 39 -11.05 -11.84 5.80
C ASP B 39 -11.61 -11.49 7.17
N PRO B 40 -12.30 -10.34 7.31
CA PRO B 40 -12.89 -9.95 8.60
C PRO B 40 -13.84 -10.99 9.19
N LYS B 41 -14.38 -11.92 8.38
CA LYS B 41 -15.30 -12.99 8.86
C LYS B 41 -14.55 -13.89 9.85
N ALA B 42 -13.23 -14.01 9.69
CA ALA B 42 -12.29 -14.52 10.72
C ALA B 42 -12.64 -15.96 11.13
N ASP B 43 -13.03 -16.81 10.16
CA ASP B 43 -13.26 -18.25 10.45
C ASP B 43 -12.45 -19.07 9.46
N SER B 44 -11.41 -18.47 8.91
CA SER B 44 -10.55 -19.02 7.85
C SER B 44 -9.72 -20.20 8.36
N THR B 45 -9.60 -20.39 9.68
CA THR B 45 -8.67 -21.38 10.30
C THR B 45 -9.40 -22.38 11.21
N ARG B 46 -10.71 -22.22 11.40
CA ARG B 46 -11.53 -22.97 12.39
C ARG B 46 -11.39 -24.49 12.17
N LEU B 47 -11.32 -24.96 10.92
CA LEU B 47 -11.37 -26.41 10.59
C LEU B 47 -9.99 -27.05 10.71
N ILE B 48 -8.92 -26.30 10.50
CA ILE B 48 -7.53 -26.75 10.74
C ILE B 48 -7.31 -26.87 12.27
N LEU B 49 -7.81 -25.90 13.04
CA LEU B 49 -7.67 -25.86 14.52
C LEU B 49 -8.80 -26.69 15.15
N GLY B 50 -8.86 -26.78 16.48
CA GLY B 50 -9.89 -27.55 17.18
C GLY B 50 -11.31 -27.15 16.79
N GLY B 51 -11.52 -25.86 16.56
CA GLY B 51 -12.86 -25.30 16.28
C GLY B 51 -13.18 -24.08 17.12
N LYS B 52 -14.22 -23.35 16.73
CA LYS B 52 -14.57 -21.97 17.20
C LYS B 52 -13.36 -21.03 17.05
N PRO B 53 -13.49 -19.99 16.19
CA PRO B 53 -12.34 -19.22 15.72
C PRO B 53 -11.27 -19.02 16.78
N GLN B 54 -10.02 -18.92 16.33
CA GLN B 54 -8.86 -18.41 17.12
C GLN B 54 -9.03 -16.90 17.30
N GLU B 55 -8.46 -16.37 18.38
CA GLU B 55 -8.41 -14.91 18.62
C GLU B 55 -7.69 -14.26 17.43
N THR B 56 -8.21 -13.14 16.95
CA THR B 56 -7.60 -12.36 15.85
C THR B 56 -6.45 -11.51 16.43
N LEU B 57 -5.45 -11.22 15.62
CA LEU B 57 -4.33 -10.31 15.99
C LEU B 57 -4.93 -8.95 16.40
N MET B 58 -5.97 -8.47 15.71
CA MET B 58 -6.51 -7.12 15.99
C MET B 58 -7.13 -7.10 17.38
N ASP B 59 -7.89 -8.15 17.74
CA ASP B 59 -8.58 -8.26 19.04
C ASP B 59 -7.54 -8.32 20.18
N MET B 60 -6.42 -9.00 19.95
CA MET B 60 -5.34 -9.10 20.96
C MET B 60 -4.64 -7.76 21.12
N LEU B 61 -4.21 -7.12 20.02
CA LEU B 61 -3.71 -5.72 20.05
C LEU B 61 -4.68 -4.82 20.82
N ARG B 62 -5.98 -5.02 20.68
CA ARG B 62 -7.04 -4.19 21.34
C ARG B 62 -7.03 -4.41 22.85
N ASP B 63 -6.80 -5.64 23.32
CA ASP B 63 -7.07 -6.08 24.73
C ASP B 63 -5.80 -6.10 25.57
N LYS B 64 -4.73 -6.74 25.09
CA LYS B 64 -3.45 -6.88 25.85
C LYS B 64 -2.46 -5.79 25.41
N GLY B 65 -2.43 -5.46 24.12
CA GLY B 65 -1.52 -4.46 23.53
C GLY B 65 -0.41 -5.13 22.73
N ALA B 66 0.07 -4.48 21.66
CA ALA B 66 1.34 -4.83 20.98
C ALA B 66 2.48 -4.60 21.96
N GLU B 67 3.53 -5.41 21.86
CA GLU B 67 4.69 -5.48 22.79
C GLU B 67 4.35 -6.31 24.04
N LYS B 68 3.09 -6.75 24.24
CA LYS B 68 2.72 -7.78 25.26
C LYS B 68 2.12 -9.03 24.58
N ILE B 69 2.25 -9.13 23.25
CA ILE B 69 1.78 -10.24 22.38
C ILE B 69 3.01 -11.01 21.91
N THR B 70 2.97 -12.34 22.00
CA THR B 70 4.04 -13.25 21.52
C THR B 70 3.55 -13.97 20.26
N ASN B 71 4.46 -14.57 19.49
CA ASN B 71 4.09 -15.40 18.31
C ASN B 71 3.07 -16.46 18.75
N ASP B 72 3.22 -17.04 19.94
CA ASP B 72 2.41 -18.19 20.39
C ASP B 72 0.95 -17.76 20.60
N ASP B 73 0.71 -16.49 20.93
CA ASP B 73 -0.64 -15.88 21.11
C ASP B 73 -1.38 -15.77 19.76
N VAL B 74 -0.67 -15.48 18.67
CA VAL B 74 -1.32 -15.16 17.37
C VAL B 74 -1.27 -16.39 16.43
N ILE B 75 -0.21 -17.19 16.48
CA ILE B 75 -0.03 -18.37 15.59
C ILE B 75 -0.41 -19.62 16.38
N LYS B 76 -1.42 -20.34 15.92
CA LYS B 76 -1.85 -21.63 16.51
C LYS B 76 -1.51 -22.73 15.51
N LYS B 77 -1.23 -23.94 16.02
CA LYS B 77 -0.91 -25.14 15.22
C LYS B 77 -2.12 -26.06 15.25
N GLY B 78 -2.51 -26.59 14.10
CA GLY B 78 -3.67 -27.49 14.02
C GLY B 78 -3.28 -28.82 13.40
N PHE B 79 -4.18 -29.39 12.61
CA PHE B 79 -3.96 -30.63 11.82
C PHE B 79 -2.55 -30.60 11.18
N LEU B 80 -1.77 -31.63 11.50
CA LEU B 80 -0.39 -31.88 10.97
C LEU B 80 0.49 -30.63 11.16
N ASP B 81 0.28 -29.89 12.24
CA ASP B 81 1.06 -28.68 12.64
C ASP B 81 0.95 -27.57 11.58
N ILE B 82 -0.14 -27.54 10.82
CA ILE B 82 -0.43 -26.36 9.96
C ILE B 82 -0.56 -25.13 10.89
N GLN B 83 0.21 -24.09 10.61
CA GLN B 83 0.24 -22.85 11.42
C GLN B 83 -0.86 -21.91 10.91
N CYS B 84 -1.59 -21.28 11.81
CA CYS B 84 -2.81 -20.48 11.51
C CYS B 84 -2.78 -19.14 12.22
N VAL B 85 -3.14 -18.08 11.48
CA VAL B 85 -3.29 -16.69 11.99
C VAL B 85 -4.61 -16.13 11.46
N GLU B 86 -5.30 -15.33 12.28
CA GLU B 86 -6.44 -14.48 11.84
C GLU B 86 -6.05 -13.02 12.04
N SER B 87 -5.97 -12.24 10.95
CA SER B 87 -5.67 -10.77 10.97
C SER B 87 -6.68 -10.05 11.86
N GLY B 88 -7.95 -10.35 11.66
CA GLY B 88 -9.07 -9.58 12.20
C GLY B 88 -9.18 -8.26 11.47
N GLY B 89 -10.03 -7.40 11.99
CA GLY B 89 -10.42 -6.16 11.29
C GLY B 89 -11.20 -5.28 12.24
N PRO B 90 -11.30 -3.96 12.01
CA PRO B 90 -12.09 -3.11 12.89
C PRO B 90 -13.58 -3.46 12.75
N GLU B 91 -14.34 -3.01 13.73
CA GLU B 91 -15.81 -3.20 13.78
C GLU B 91 -16.39 -2.53 12.55
N PRO B 92 -17.46 -3.10 11.96
CA PRO B 92 -18.18 -2.45 10.88
C PRO B 92 -18.50 -0.99 11.25
N GLY B 93 -18.19 -0.07 10.33
CA GLY B 93 -18.41 1.37 10.48
C GLY B 93 -17.16 2.10 10.98
N VAL B 94 -16.28 1.39 11.68
CA VAL B 94 -15.05 1.95 12.31
C VAL B 94 -13.86 1.72 11.35
N GLY B 95 -13.39 2.73 10.68
CA GLY B 95 -12.20 2.65 9.81
C GLY B 95 -12.30 1.60 8.71
N CYS B 96 -11.22 1.44 7.98
CA CYS B 96 -11.07 0.58 6.78
C CYS B 96 -11.08 -0.90 7.18
N ALA B 97 -11.95 -1.68 6.52
CA ALA B 97 -12.23 -3.07 6.92
C ALA B 97 -10.97 -3.91 6.75
N GLY B 98 -10.03 -3.47 5.91
CA GLY B 98 -8.78 -4.18 5.56
C GLY B 98 -7.58 -3.80 6.43
N ARG B 99 -7.71 -2.85 7.36
CA ARG B 99 -6.49 -2.28 8.01
C ARG B 99 -5.76 -3.37 8.83
N GLY B 100 -6.48 -4.34 9.37
CA GLY B 100 -5.93 -5.45 10.17
C GLY B 100 -5.03 -6.35 9.36
N VAL B 101 -5.38 -6.57 8.09
CA VAL B 101 -4.56 -7.42 7.16
C VAL B 101 -3.14 -6.83 7.11
N ILE B 102 -3.01 -5.50 7.00
CA ILE B 102 -1.70 -4.82 6.84
C ILE B 102 -0.90 -5.00 8.14
N THR B 103 -1.51 -4.65 9.27
CA THR B 103 -0.92 -4.79 10.62
C THR B 103 -0.43 -6.23 10.79
N ALA B 104 -1.27 -7.20 10.44
CA ALA B 104 -1.04 -8.64 10.70
C ALA B 104 0.12 -9.12 9.85
N ILE B 105 0.11 -8.82 8.55
CA ILE B 105 1.17 -9.29 7.63
C ILE B 105 2.49 -8.62 8.03
N ASP B 106 2.45 -7.32 8.34
CA ASP B 106 3.64 -6.54 8.82
C ASP B 106 4.23 -7.23 10.06
N LEU B 107 3.40 -7.60 11.04
CA LEU B 107 3.86 -8.24 12.30
C LEU B 107 4.47 -9.63 12.02
N MET B 108 3.86 -10.41 11.12
CA MET B 108 4.40 -11.75 10.77
C MET B 108 5.74 -11.61 10.04
N GLU B 109 5.91 -10.57 9.21
CA GLU B 109 7.20 -10.28 8.52
C GLU B 109 8.23 -9.84 9.59
N GLU B 110 7.84 -8.92 10.48
CA GLU B 110 8.67 -8.44 11.61
C GLU B 110 9.23 -9.63 12.39
N ASN B 111 8.36 -10.57 12.79
CA ASN B 111 8.69 -11.63 13.78
C ASN B 111 9.19 -12.91 13.08
N GLY B 112 9.47 -12.86 11.78
CA GLY B 112 10.00 -13.98 10.98
C GLY B 112 9.10 -15.21 11.00
N ALA B 113 7.77 -15.04 11.10
CA ALA B 113 6.78 -16.15 11.18
C ALA B 113 6.78 -16.97 9.88
N TYR B 114 7.09 -16.32 8.74
CA TYR B 114 7.09 -16.97 7.41
C TYR B 114 8.47 -17.62 7.17
N THR B 115 8.78 -18.69 7.92
CA THR B 115 10.13 -19.30 7.96
C THR B 115 10.44 -19.93 6.60
N ASP B 116 11.74 -20.01 6.26
CA ASP B 116 12.22 -20.45 4.92
C ASP B 116 11.86 -21.92 4.68
N ASP B 117 11.61 -22.68 5.76
CA ASP B 117 11.25 -24.11 5.65
C ASP B 117 9.75 -24.30 5.33
N LEU B 118 8.95 -23.23 5.27
CA LEU B 118 7.53 -23.34 4.82
C LEU B 118 7.52 -23.58 3.31
N ASP B 119 6.70 -24.52 2.86
CA ASP B 119 6.51 -24.78 1.41
C ASP B 119 5.49 -23.78 0.86
N PHE B 120 4.46 -23.48 1.67
CA PHE B 120 3.31 -22.63 1.25
C PHE B 120 2.86 -21.73 2.39
N VAL B 121 2.68 -20.44 2.07
CA VAL B 121 1.81 -19.52 2.85
C VAL B 121 0.57 -19.23 2.01
N PHE B 122 -0.61 -19.44 2.59
CA PHE B 122 -1.92 -19.07 1.98
C PHE B 122 -2.48 -17.85 2.71
N PHE B 123 -2.70 -16.76 1.96
CA PHE B 123 -3.53 -15.61 2.35
C PHE B 123 -4.96 -15.85 1.84
N ASP B 124 -5.90 -15.98 2.76
CA ASP B 124 -7.36 -16.13 2.49
C ASP B 124 -7.96 -14.72 2.54
N VAL B 125 -8.18 -14.09 1.37
CA VAL B 125 -8.44 -12.62 1.27
C VAL B 125 -9.87 -12.35 0.80
N LEU B 126 -10.60 -11.51 1.56
CA LEU B 126 -11.89 -10.95 1.09
C LEU B 126 -11.67 -10.34 -0.30
N GLY B 127 -12.57 -10.66 -1.25
CA GLY B 127 -12.41 -10.27 -2.66
C GLY B 127 -13.59 -9.46 -3.18
N ASP B 128 -14.52 -9.00 -2.33
CA ASP B 128 -15.73 -8.27 -2.79
C ASP B 128 -15.35 -6.84 -3.17
N VAL B 129 -14.29 -6.31 -2.56
CA VAL B 129 -13.59 -5.06 -3.00
C VAL B 129 -12.10 -5.42 -3.05
N VAL B 130 -11.34 -4.72 -3.91
CA VAL B 130 -9.87 -4.92 -4.02
C VAL B 130 -9.20 -3.58 -3.76
N CYS B 131 -8.99 -3.25 -2.48
CA CYS B 131 -8.53 -1.93 -2.00
C CYS B 131 -8.02 -2.09 -0.58
N GLY B 132 -7.30 -1.09 -0.07
CA GLY B 132 -6.70 -1.10 1.28
C GLY B 132 -5.95 -2.38 1.55
N GLY B 133 -6.12 -2.98 2.74
CA GLY B 133 -5.39 -4.18 3.17
C GLY B 133 -5.77 -5.38 2.31
N PHE B 134 -6.94 -5.36 1.66
CA PHE B 134 -7.40 -6.49 0.81
C PHE B 134 -6.58 -6.51 -0.48
N ALA B 135 -6.08 -5.36 -0.90
CA ALA B 135 -5.21 -5.24 -2.11
C ALA B 135 -3.73 -5.48 -1.73
N MET B 136 -3.35 -5.25 -0.49
CA MET B 136 -1.92 -5.20 -0.05
C MET B 136 -1.20 -6.46 -0.53
N PRO B 137 -1.70 -7.70 -0.32
CA PRO B 137 -0.96 -8.90 -0.74
C PRO B 137 -0.58 -8.88 -2.22
N ILE B 138 -1.36 -8.20 -3.06
CA ILE B 138 -1.10 -8.08 -4.52
C ILE B 138 -0.26 -6.83 -4.79
N ARG B 139 -0.61 -5.70 -4.17
CA ARG B 139 0.01 -4.37 -4.42
C ARG B 139 1.46 -4.42 -3.92
N ASP B 140 1.70 -4.95 -2.72
CA ASP B 140 3.03 -4.97 -2.06
C ASP B 140 3.71 -6.35 -2.24
N GLY B 141 3.15 -7.21 -3.08
CA GLY B 141 3.76 -8.47 -3.52
C GLY B 141 4.02 -9.47 -2.40
N LYS B 142 3.17 -9.49 -1.36
CA LYS B 142 3.31 -10.44 -0.23
C LYS B 142 3.01 -11.85 -0.73
N ALA B 143 2.13 -11.96 -1.74
CA ALA B 143 1.86 -13.18 -2.51
C ALA B 143 2.30 -12.90 -3.95
N GLN B 144 2.90 -13.90 -4.59
CA GLN B 144 3.38 -13.86 -5.99
C GLN B 144 2.32 -14.53 -6.86
N GLU B 145 1.61 -15.54 -6.32
CA GLU B 145 0.62 -16.27 -7.16
C GLU B 145 -0.76 -16.21 -6.50
N VAL B 146 -1.77 -16.02 -7.36
CA VAL B 146 -3.19 -15.85 -6.96
C VAL B 146 -3.99 -16.98 -7.58
N TYR B 147 -4.87 -17.60 -6.81
CA TYR B 147 -5.98 -18.41 -7.37
C TYR B 147 -7.29 -17.74 -6.96
N ILE B 148 -8.25 -17.72 -7.87
CA ILE B 148 -9.57 -17.11 -7.62
C ILE B 148 -10.56 -18.25 -7.56
N VAL B 149 -11.33 -18.31 -6.47
CA VAL B 149 -12.47 -19.25 -6.34
C VAL B 149 -13.68 -18.58 -6.98
N ALA B 150 -14.35 -19.28 -7.86
CA ALA B 150 -15.61 -18.83 -8.47
C ALA B 150 -16.55 -20.02 -8.62
N SER B 151 -17.72 -19.76 -9.18
CA SER B 151 -18.78 -20.75 -9.48
C SER B 151 -19.52 -20.23 -10.70
N GLY B 152 -20.56 -20.97 -11.11
CA GLY B 152 -21.50 -20.52 -12.17
C GLY B 152 -22.21 -19.20 -11.90
N GLU B 153 -22.26 -18.65 -10.68
CA GLU B 153 -23.18 -17.52 -10.35
C GLU B 153 -22.60 -16.19 -10.88
N MET B 154 -23.47 -15.30 -11.34
CA MET B 154 -23.08 -14.04 -12.01
C MET B 154 -22.12 -13.25 -11.11
N MET B 155 -22.45 -13.11 -9.83
CA MET B 155 -21.68 -12.23 -8.92
C MET B 155 -20.31 -12.85 -8.63
N ALA B 156 -20.20 -14.19 -8.68
CA ALA B 156 -18.92 -14.92 -8.49
C ALA B 156 -17.97 -14.59 -9.64
N ILE B 157 -18.49 -14.61 -10.88
CA ILE B 157 -17.68 -14.33 -12.10
C ILE B 157 -17.41 -12.83 -12.16
N TYR B 158 -18.39 -11.99 -11.81
CA TYR B 158 -18.17 -10.52 -11.72
C TYR B 158 -17.00 -10.27 -10.78
N ALA B 159 -17.01 -10.86 -9.58
CA ALA B 159 -15.93 -10.67 -8.58
C ALA B 159 -14.60 -11.14 -9.15
N ALA B 160 -14.56 -12.31 -9.80
CA ALA B 160 -13.35 -12.89 -10.43
C ALA B 160 -12.75 -11.88 -11.42
N ASN B 161 -13.61 -11.38 -12.31
CA ASN B 161 -13.21 -10.40 -13.36
C ASN B 161 -12.62 -9.14 -12.69
N ASN B 162 -13.29 -8.63 -11.67
CA ASN B 162 -12.87 -7.41 -10.93
C ASN B 162 -11.52 -7.68 -10.26
N ILE B 163 -11.36 -8.83 -9.60
CA ILE B 163 -10.06 -9.21 -8.98
C ILE B 163 -8.99 -9.22 -10.08
N CYS B 164 -9.30 -9.74 -11.26
CA CYS B 164 -8.33 -9.77 -12.39
C CYS B 164 -7.90 -8.35 -12.80
N LYS B 165 -8.77 -7.35 -12.70
CA LYS B 165 -8.39 -5.95 -12.98
C LYS B 165 -7.35 -5.49 -11.94
N GLY B 166 -7.51 -5.88 -10.67
CA GLY B 166 -6.50 -5.65 -9.61
C GLY B 166 -5.14 -6.25 -9.98
N LEU B 167 -5.12 -7.50 -10.46
CA LEU B 167 -3.90 -8.22 -10.86
C LEU B 167 -3.23 -7.50 -12.03
N VAL B 168 -4.01 -7.07 -13.04
CA VAL B 168 -3.48 -6.33 -14.21
C VAL B 168 -2.77 -5.09 -13.68
N LYS B 169 -3.40 -4.33 -12.79
CA LYS B 169 -2.87 -3.05 -12.27
C LYS B 169 -1.48 -3.26 -11.65
N TYR B 170 -1.26 -4.37 -10.91
CA TYR B 170 -0.06 -4.55 -10.05
C TYR B 170 0.94 -5.55 -10.64
N ALA B 171 0.64 -6.09 -11.82
CA ALA B 171 1.40 -7.15 -12.51
C ALA B 171 2.89 -6.77 -12.67
N LYS B 172 3.20 -5.56 -13.12
CA LYS B 172 4.59 -5.12 -13.44
C LYS B 172 5.31 -4.71 -12.15
N GLN B 173 4.63 -3.92 -11.31
CA GLN B 173 5.14 -3.41 -10.01
C GLN B 173 5.55 -4.56 -9.10
N SER B 174 4.67 -5.54 -8.87
CA SER B 174 4.80 -6.55 -7.80
C SER B 174 5.25 -7.91 -8.34
N GLY B 175 5.05 -8.17 -9.65
CA GLY B 175 5.30 -9.47 -10.28
C GLY B 175 4.20 -10.48 -10.00
N VAL B 176 3.07 -10.04 -9.42
CA VAL B 176 1.91 -10.92 -9.11
C VAL B 176 1.36 -11.54 -10.41
N ARG B 177 1.00 -12.82 -10.36
CA ARG B 177 0.42 -13.54 -11.53
C ARG B 177 -0.80 -14.36 -11.10
N LEU B 178 -1.73 -14.58 -12.01
CA LEU B 178 -2.91 -15.47 -11.82
C LEU B 178 -2.52 -16.89 -12.22
N GLY B 179 -2.70 -17.84 -11.31
CA GLY B 179 -2.35 -19.26 -11.51
C GLY B 179 -3.52 -20.07 -11.99
N GLY B 180 -4.74 -19.54 -11.90
CA GLY B 180 -5.96 -20.27 -12.31
C GLY B 180 -7.20 -19.85 -11.53
N ILE B 181 -8.35 -20.25 -12.04
CA ILE B 181 -9.67 -20.15 -11.34
C ILE B 181 -10.00 -21.57 -10.87
N ILE B 182 -10.34 -21.69 -9.60
CA ILE B 182 -10.93 -22.91 -8.98
C ILE B 182 -12.46 -22.74 -9.05
N CYS B 183 -13.13 -23.64 -9.75
CA CYS B 183 -14.61 -23.74 -9.74
C CYS B 183 -15.04 -24.51 -8.50
N ASN B 184 -15.56 -23.83 -7.49
CA ASN B 184 -16.18 -24.48 -6.31
C ASN B 184 -17.66 -24.61 -6.66
N SER B 185 -18.06 -25.78 -7.14
CA SER B 185 -19.36 -26.02 -7.84
C SER B 185 -20.54 -25.66 -6.94
N ARG B 186 -21.56 -25.05 -7.49
CA ARG B 186 -22.90 -24.90 -6.85
C ARG B 186 -23.90 -25.89 -7.47
N LYS B 187 -23.42 -26.95 -8.13
CA LYS B 187 -24.24 -28.11 -8.58
C LYS B 187 -25.32 -27.62 -9.55
N VAL B 188 -24.93 -26.84 -10.56
CA VAL B 188 -25.85 -26.27 -11.59
C VAL B 188 -25.34 -26.72 -12.95
N ASP B 189 -26.25 -27.02 -13.88
CA ASP B 189 -25.95 -27.28 -15.31
C ASP B 189 -25.34 -26.03 -15.97
N GLY B 190 -24.36 -26.21 -16.84
CA GLY B 190 -23.71 -25.13 -17.60
C GLY B 190 -22.48 -24.58 -16.89
N GLU B 191 -22.34 -24.88 -15.60
CA GLU B 191 -21.32 -24.29 -14.73
C GLU B 191 -19.93 -24.51 -15.32
N ARG B 192 -19.60 -25.76 -15.69
CA ARG B 192 -18.27 -26.15 -16.21
C ARG B 192 -18.02 -25.42 -17.55
N GLU B 193 -19.02 -25.38 -18.43
CA GLU B 193 -18.94 -24.76 -19.78
C GLU B 193 -18.75 -23.25 -19.61
N PHE B 194 -19.53 -22.64 -18.71
CA PHE B 194 -19.43 -21.20 -18.36
C PHE B 194 -17.98 -20.86 -18.01
N LEU B 195 -17.38 -21.60 -17.08
CA LEU B 195 -16.05 -21.26 -16.53
C LEU B 195 -14.95 -21.59 -17.54
N GLU B 196 -15.15 -22.60 -18.38
CA GLU B 196 -14.18 -22.96 -19.44
C GLU B 196 -14.08 -21.76 -20.38
N GLU B 197 -15.23 -21.19 -20.77
CA GLU B 197 -15.32 -20.04 -21.70
C GLU B 197 -14.76 -18.78 -21.03
N PHE B 198 -15.15 -18.53 -19.78
CA PHE B 198 -14.70 -17.32 -19.04
C PHE B 198 -13.19 -17.35 -18.91
N THR B 199 -12.61 -18.47 -18.47
CA THR B 199 -11.16 -18.60 -18.24
C THR B 199 -10.39 -18.47 -19.56
N ALA B 200 -10.88 -19.07 -20.66
CA ALA B 200 -10.23 -18.97 -21.98
C ALA B 200 -10.20 -17.50 -22.39
N ALA B 201 -11.36 -16.83 -22.27
CA ALA B 201 -11.55 -15.41 -22.68
C ALA B 201 -10.59 -14.48 -21.91
N ILE B 202 -10.35 -14.69 -20.62
CA ILE B 202 -9.46 -13.80 -19.81
C ILE B 202 -8.01 -14.31 -19.83
N GLY B 203 -7.76 -15.44 -20.49
CA GLY B 203 -6.40 -15.93 -20.77
C GLY B 203 -5.81 -16.77 -19.64
N THR B 204 -6.66 -17.42 -18.84
CA THR B 204 -6.19 -18.35 -17.81
C THR B 204 -6.89 -19.70 -18.04
N LYS B 205 -6.97 -20.53 -17.01
CA LYS B 205 -7.57 -21.87 -17.06
C LYS B 205 -8.39 -22.05 -15.79
N MET B 206 -9.40 -22.91 -15.84
CA MET B 206 -10.03 -23.46 -14.63
C MET B 206 -9.14 -24.62 -14.17
N ILE B 207 -8.32 -24.40 -13.15
CA ILE B 207 -7.26 -25.35 -12.70
C ILE B 207 -7.92 -26.60 -12.11
N HIS B 208 -9.09 -26.47 -11.48
CA HIS B 208 -9.73 -27.62 -10.79
C HIS B 208 -11.22 -27.39 -10.59
N PHE B 209 -11.99 -28.46 -10.75
CA PHE B 209 -13.46 -28.47 -10.49
C PHE B 209 -13.67 -29.15 -9.15
N VAL B 210 -14.06 -28.37 -8.13
CA VAL B 210 -14.33 -28.93 -6.78
C VAL B 210 -15.82 -29.21 -6.70
N PRO B 211 -16.22 -30.51 -6.62
CA PRO B 211 -17.64 -30.86 -6.53
C PRO B 211 -18.24 -30.32 -5.22
N ARG B 212 -19.52 -29.94 -5.28
CA ARG B 212 -20.40 -29.74 -4.10
C ARG B 212 -20.66 -31.12 -3.50
N ASP B 213 -20.25 -31.34 -2.26
CA ASP B 213 -20.30 -32.67 -1.63
C ASP B 213 -20.61 -32.52 -0.14
N ASN B 214 -21.65 -33.24 0.31
CA ASN B 214 -22.23 -33.22 1.68
C ASN B 214 -21.17 -33.54 2.73
N ILE B 215 -20.12 -34.26 2.33
CA ILE B 215 -18.98 -34.65 3.21
C ILE B 215 -18.36 -33.39 3.84
N VAL B 216 -18.40 -32.24 3.16
CA VAL B 216 -17.85 -30.96 3.68
C VAL B 216 -18.60 -30.60 4.97
N GLN B 217 -19.94 -30.64 4.97
CA GLN B 217 -20.77 -30.30 6.17
C GLN B 217 -20.65 -31.39 7.25
N LYS B 218 -20.50 -32.67 6.87
CA LYS B 218 -20.26 -33.76 7.84
C LYS B 218 -18.92 -33.47 8.54
N ALA B 219 -17.89 -33.08 7.78
CA ALA B 219 -16.54 -32.78 8.33
C ALA B 219 -16.61 -31.51 9.19
N GLU B 220 -17.37 -30.50 8.78
CA GLU B 220 -17.53 -29.24 9.56
C GLU B 220 -18.14 -29.58 10.94
N PHE B 221 -19.16 -30.43 10.98
CA PHE B 221 -19.85 -30.86 12.22
C PHE B 221 -18.84 -31.52 13.17
N ASN B 222 -17.85 -32.22 12.62
CA ASN B 222 -16.74 -32.86 13.38
C ASN B 222 -15.56 -31.87 13.56
N LYS B 223 -15.72 -30.61 13.17
CA LYS B 223 -14.73 -29.51 13.38
C LYS B 223 -13.44 -29.81 12.59
N LYS B 224 -13.57 -30.37 11.39
CA LYS B 224 -12.44 -30.92 10.61
C LYS B 224 -12.60 -30.55 9.13
N THR B 225 -11.47 -30.47 8.44
CA THR B 225 -11.38 -30.53 6.96
C THR B 225 -11.77 -31.95 6.52
N VAL B 226 -12.03 -32.13 5.24
CA VAL B 226 -12.41 -33.45 4.65
C VAL B 226 -11.19 -34.38 4.71
N THR B 227 -9.98 -33.87 4.45
CA THR B 227 -8.74 -34.68 4.48
C THR B 227 -8.54 -35.22 5.90
N GLU B 228 -8.74 -34.41 6.94
CA GLU B 228 -8.60 -34.91 8.34
C GLU B 228 -9.72 -35.90 8.64
N PHE B 229 -10.96 -35.54 8.32
CA PHE B 229 -12.17 -36.32 8.71
C PHE B 229 -12.19 -37.71 8.02
N ALA B 230 -11.77 -37.80 6.77
CA ALA B 230 -11.98 -38.98 5.91
C ALA B 230 -11.06 -38.93 4.70
N PRO B 231 -9.74 -39.16 4.89
CA PRO B 231 -8.78 -39.03 3.79
C PRO B 231 -8.94 -40.04 2.64
N GLU B 232 -9.78 -41.07 2.80
CA GLU B 232 -10.02 -42.10 1.76
C GLU B 232 -11.22 -41.71 0.90
N GLU B 233 -12.00 -40.70 1.32
CA GLU B 233 -13.14 -40.18 0.54
C GLU B 233 -12.62 -39.55 -0.76
N ASN B 234 -13.43 -39.66 -1.82
CA ASN B 234 -13.15 -39.04 -3.13
C ASN B 234 -12.89 -37.54 -2.92
N GLN B 235 -13.66 -36.86 -2.06
CA GLN B 235 -13.55 -35.38 -1.90
C GLN B 235 -12.17 -35.03 -1.33
N ALA B 236 -11.63 -35.84 -0.40
CA ALA B 236 -10.25 -35.66 0.11
C ALA B 236 -9.27 -35.80 -1.05
N LYS B 237 -9.49 -36.78 -1.91
CA LYS B 237 -8.62 -37.05 -3.08
C LYS B 237 -8.71 -35.88 -4.10
N GLU B 238 -9.88 -35.25 -4.23
CA GLU B 238 -10.08 -34.03 -5.07
C GLU B 238 -9.15 -32.93 -4.56
N TYR B 239 -9.11 -32.69 -3.24
CA TYR B 239 -8.23 -31.63 -2.66
C TYR B 239 -6.76 -32.06 -2.84
N GLY B 240 -6.46 -33.35 -2.72
CA GLY B 240 -5.10 -33.88 -2.99
C GLY B 240 -4.68 -33.60 -4.42
N GLU B 241 -5.60 -33.73 -5.36
CA GLU B 241 -5.38 -33.45 -6.80
C GLU B 241 -5.24 -31.93 -7.01
N LEU B 242 -6.09 -31.09 -6.41
CA LEU B 242 -5.94 -29.61 -6.48
C LEU B 242 -4.56 -29.25 -5.93
N ALA B 243 -4.18 -29.84 -4.81
CA ALA B 243 -2.87 -29.62 -4.15
C ALA B 243 -1.75 -29.94 -5.14
N ARG B 244 -1.86 -31.07 -5.85
CA ARG B 244 -0.84 -31.52 -6.84
C ARG B 244 -0.68 -30.47 -7.95
N LYS B 245 -1.80 -30.01 -8.51
CA LYS B 245 -1.86 -29.07 -9.67
C LYS B 245 -1.27 -27.72 -9.25
N ILE B 246 -1.48 -27.30 -7.99
CA ILE B 246 -0.86 -26.07 -7.43
C ILE B 246 0.66 -26.29 -7.32
N ILE B 247 1.10 -27.39 -6.70
CA ILE B 247 2.55 -27.73 -6.60
C ILE B 247 3.17 -27.64 -8.00
N GLU B 248 2.54 -28.24 -9.01
CA GLU B 248 3.17 -28.47 -10.33
C GLU B 248 2.83 -27.32 -11.29
N ASN B 249 2.04 -26.34 -10.87
CA ASN B 249 1.55 -25.28 -11.79
C ASN B 249 2.76 -24.55 -12.37
N ASP B 250 2.79 -24.36 -13.69
CA ASP B 250 3.83 -23.54 -14.36
C ASP B 250 3.16 -22.51 -15.28
N GLU B 251 1.83 -22.32 -15.18
CA GLU B 251 1.05 -21.41 -16.06
C GLU B 251 0.57 -20.21 -15.24
N PHE B 252 1.37 -19.15 -15.18
CA PHE B 252 1.09 -17.92 -14.41
C PHE B 252 0.96 -16.75 -15.39
N VAL B 253 -0.20 -16.10 -15.42
CA VAL B 253 -0.56 -15.10 -16.47
C VAL B 253 -0.90 -13.75 -15.84
N ILE B 254 -0.77 -12.72 -16.65
CA ILE B 254 -1.50 -11.44 -16.46
C ILE B 254 -2.80 -11.65 -17.21
N PRO B 255 -3.96 -11.64 -16.50
CA PRO B 255 -5.24 -11.90 -17.18
C PRO B 255 -5.66 -10.72 -18.05
N LYS B 256 -6.64 -10.93 -18.93
CA LYS B 256 -7.22 -9.91 -19.83
C LYS B 256 -8.70 -9.80 -19.47
N PRO B 257 -9.05 -8.97 -18.46
CA PRO B 257 -10.42 -8.94 -17.94
C PRO B 257 -11.45 -8.61 -19.02
N LEU B 258 -12.69 -9.13 -18.87
CA LEU B 258 -13.78 -8.81 -19.81
C LEU B 258 -14.29 -7.38 -19.55
N THR B 259 -14.87 -6.74 -20.56
CA THR B 259 -15.63 -5.47 -20.42
C THR B 259 -16.99 -5.80 -19.78
N MET B 260 -17.69 -4.80 -19.23
CA MET B 260 -19.04 -4.96 -18.67
C MET B 260 -19.93 -5.70 -19.68
N ASP B 261 -19.93 -5.30 -20.96
CA ASP B 261 -20.88 -5.88 -21.95
C ASP B 261 -20.55 -7.35 -22.18
N GLN B 262 -19.26 -7.69 -22.33
CA GLN B 262 -18.81 -9.08 -22.56
C GLN B 262 -19.23 -9.97 -21.39
N LEU B 263 -18.96 -9.52 -20.17
CA LEU B 263 -19.33 -10.29 -18.94
C LEU B 263 -20.84 -10.47 -18.90
N GLU B 264 -21.63 -9.40 -19.07
CA GLU B 264 -23.12 -9.44 -19.01
C GLU B 264 -23.64 -10.40 -20.09
N ASP B 265 -23.12 -10.34 -21.32
CA ASP B 265 -23.60 -11.20 -22.45
C ASP B 265 -23.29 -12.66 -22.09
N MET B 266 -22.10 -12.93 -21.55
CA MET B 266 -21.69 -14.33 -21.25
C MET B 266 -22.49 -14.90 -20.06
N VAL B 267 -22.84 -14.08 -19.06
CA VAL B 267 -23.71 -14.49 -17.92
C VAL B 267 -25.10 -14.88 -18.45
N VAL B 268 -25.71 -14.07 -19.33
CA VAL B 268 -27.10 -14.40 -19.81
C VAL B 268 -27.02 -15.63 -20.72
N LYS B 269 -25.90 -15.84 -21.44
CA LYS B 269 -25.70 -17.05 -22.30
C LYS B 269 -25.78 -18.36 -21.49
N TYR B 270 -25.28 -18.40 -20.26
CA TYR B 270 -25.21 -19.64 -19.45
C TYR B 270 -26.15 -19.55 -18.23
N GLY B 271 -27.22 -18.74 -18.31
CA GLY B 271 -28.16 -18.44 -17.21
C GLY B 271 -28.55 -19.65 -16.37
N THR C 1 -8.56 19.31 -8.84
CA THR C 1 -7.42 19.47 -7.90
C THR C 1 -6.14 18.99 -8.60
N ARG C 2 -5.09 19.79 -8.61
CA ARG C 2 -3.76 19.34 -9.11
C ARG C 2 -2.99 18.66 -7.97
N LYS C 3 -2.56 17.44 -8.25
CA LYS C 3 -1.80 16.57 -7.31
C LYS C 3 -0.34 16.64 -7.74
N VAL C 4 0.51 17.21 -6.88
CA VAL C 4 1.95 17.48 -7.19
C VAL C 4 2.81 16.73 -6.18
N ALA C 5 3.75 15.91 -6.66
CA ALA C 5 4.74 15.25 -5.80
C ALA C 5 6.08 15.93 -5.99
N ILE C 6 6.75 16.24 -4.88
CA ILE C 6 8.11 16.83 -4.82
C ILE C 6 9.08 15.76 -4.32
N TYR C 7 10.05 15.40 -5.15
CA TYR C 7 11.09 14.38 -4.87
C TYR C 7 12.48 15.01 -4.90
N GLY C 8 13.48 14.32 -4.39
CA GLY C 8 14.86 14.83 -4.30
C GLY C 8 15.63 14.14 -3.19
N LYS C 9 16.96 14.28 -3.16
CA LYS C 9 17.78 13.69 -2.08
C LYS C 9 17.52 14.43 -0.75
N GLY C 10 17.76 13.75 0.37
CA GLY C 10 17.73 14.35 1.72
C GLY C 10 18.60 15.59 1.79
N GLY C 11 18.07 16.65 2.41
CA GLY C 11 18.83 17.88 2.69
C GLY C 11 18.81 18.84 1.52
N ILE C 12 18.18 18.49 0.40
CA ILE C 12 18.27 19.27 -0.86
C ILE C 12 17.37 20.52 -0.79
N GLY C 13 16.32 20.52 0.03
CA GLY C 13 15.37 21.65 0.17
C GLY C 13 13.97 21.30 -0.28
N LYS C 14 13.60 20.03 -0.23
CA LYS C 14 12.20 19.61 -0.58
C LYS C 14 11.21 20.36 0.29
N SER C 15 11.37 20.32 1.62
CA SER C 15 10.38 20.87 2.58
C SER C 15 10.40 22.41 2.55
N THR C 16 11.59 23.00 2.41
CA THR C 16 11.75 24.46 2.25
C THR C 16 11.01 24.91 0.98
N THR C 17 11.28 24.25 -0.15
CA THR C 17 10.67 24.57 -1.46
C THR C 17 9.15 24.36 -1.40
N THR C 18 8.69 23.22 -0.88
CA THR C 18 7.27 22.86 -0.85
C THR C 18 6.51 23.88 0.01
N GLN C 19 6.95 24.12 1.24
CA GLN C 19 6.24 25.01 2.19
C GLN C 19 6.17 26.45 1.63
N ASN C 20 7.28 26.94 1.11
CA ASN C 20 7.39 28.33 0.57
C ASN C 20 6.50 28.47 -0.66
N THR C 21 6.52 27.48 -1.56
CA THR C 21 5.69 27.42 -2.78
C THR C 21 4.20 27.33 -2.37
N ALA C 22 3.87 26.50 -1.38
CA ALA C 22 2.49 26.34 -0.87
C ALA C 22 1.99 27.70 -0.33
N ALA C 23 2.82 28.37 0.47
CA ALA C 23 2.51 29.69 1.06
C ALA C 23 2.35 30.73 -0.05
N ALA C 24 3.21 30.71 -1.07
CA ALA C 24 3.16 31.65 -2.22
C ALA C 24 1.90 31.39 -3.07
N LEU C 25 1.51 30.14 -3.28
CA LEU C 25 0.27 29.79 -4.01
C LEU C 25 -0.95 30.37 -3.28
N ALA C 26 -1.00 30.26 -1.96
CA ALA C 26 -2.13 30.74 -1.13
C ALA C 26 -2.15 32.28 -1.11
N TYR C 27 -0.98 32.89 -0.91
CA TYR C 27 -0.85 34.34 -0.63
C TYR C 27 -0.97 35.15 -1.93
N PHE C 28 -0.19 34.79 -2.95
CA PHE C 28 -0.04 35.55 -4.22
C PHE C 28 -1.05 35.11 -5.28
N HIS C 29 -1.58 33.89 -5.20
CA HIS C 29 -2.40 33.30 -6.30
C HIS C 29 -3.77 32.81 -5.80
N ASP C 30 -4.09 33.04 -4.53
CA ASP C 30 -5.44 32.80 -3.95
C ASP C 30 -5.82 31.32 -4.13
N LYS C 31 -4.88 30.39 -3.86
CA LYS C 31 -5.11 28.93 -4.03
C LYS C 31 -5.38 28.29 -2.67
N LYS C 32 -6.26 27.27 -2.66
CA LYS C 32 -6.47 26.37 -1.50
C LYS C 32 -5.46 25.22 -1.63
N VAL C 33 -4.58 25.09 -0.63
CA VAL C 33 -3.44 24.14 -0.68
C VAL C 33 -3.52 23.15 0.49
N PHE C 34 -3.16 21.90 0.22
CA PHE C 34 -2.99 20.78 1.18
C PHE C 34 -1.53 20.29 1.03
N ILE C 35 -0.78 20.18 2.12
CA ILE C 35 0.59 19.58 2.13
C ILE C 35 0.51 18.24 2.85
N HIS C 36 0.92 17.16 2.19
CA HIS C 36 1.00 15.81 2.78
C HIS C 36 2.46 15.41 2.87
N GLY C 37 3.06 15.53 4.05
CA GLY C 37 4.44 15.12 4.35
C GLY C 37 4.58 13.60 4.19
N CYS C 38 5.46 13.16 3.28
CA CYS C 38 5.73 11.75 2.93
C CYS C 38 7.22 11.48 3.09
N ASP C 39 7.80 12.09 4.10
CA ASP C 39 9.21 11.97 4.47
C ASP C 39 9.24 11.63 5.95
N PRO C 40 9.83 10.48 6.33
CA PRO C 40 9.89 10.08 7.74
C PRO C 40 10.53 11.12 8.67
N LYS C 41 11.33 12.06 8.13
CA LYS C 41 11.95 13.15 8.95
C LYS C 41 10.84 14.02 9.57
N ALA C 42 9.68 14.10 8.94
CA ALA C 42 8.42 14.57 9.55
C ALA C 42 8.54 16.04 10.03
N ASP C 43 9.20 16.90 9.26
CA ASP C 43 9.26 18.35 9.58
C ASP C 43 8.79 19.15 8.36
N SER C 44 8.05 18.48 7.48
CA SER C 44 7.61 18.99 6.16
C SER C 44 6.56 20.10 6.32
N THR C 45 5.95 20.25 7.51
CA THR C 45 4.79 21.19 7.73
C THR C 45 5.08 22.23 8.83
N ARG C 46 6.24 22.17 9.46
CA ARG C 46 6.61 22.97 10.67
C ARG C 46 6.41 24.47 10.41
N LEU C 47 6.78 24.96 9.21
CA LEU C 47 6.82 26.42 8.89
C LEU C 47 5.45 26.95 8.48
N ILE C 48 4.59 26.10 7.92
CA ILE C 48 3.17 26.45 7.63
C ILE C 48 2.41 26.54 8.96
N LEU C 49 2.66 25.60 9.88
CA LEU C 49 2.01 25.53 11.23
C LEU C 49 2.75 26.42 12.23
N GLY C 50 3.97 26.83 11.91
CA GLY C 50 4.80 27.78 12.70
C GLY C 50 4.95 27.38 14.17
N GLY C 51 4.95 26.09 14.49
CA GLY C 51 5.00 25.61 15.88
C GLY C 51 5.89 24.40 16.02
N LYS C 52 5.61 23.56 17.00
CA LYS C 52 6.37 22.30 17.08
C LYS C 52 5.78 21.38 16.03
N PRO C 53 6.55 20.45 15.46
CA PRO C 53 6.02 19.64 14.36
C PRO C 53 4.70 18.98 14.77
N GLN C 54 3.87 18.69 13.78
CA GLN C 54 2.57 18.06 14.06
C GLN C 54 2.80 16.58 14.34
N GLU C 55 1.93 16.01 15.15
CA GLU C 55 1.98 14.56 15.45
C GLU C 55 1.84 13.86 14.09
N THR C 56 2.63 12.83 13.86
CA THR C 56 2.55 12.01 12.62
C THR C 56 1.41 11.00 12.79
N LEU C 57 0.77 10.58 11.71
CA LEU C 57 -0.27 9.53 11.72
C LEU C 57 0.32 8.28 12.38
N MET C 58 1.58 7.94 12.07
CA MET C 58 2.15 6.67 12.55
C MET C 58 2.34 6.74 14.08
N ASP C 59 2.80 7.87 14.59
CA ASP C 59 3.05 8.08 16.05
C ASP C 59 1.72 8.01 16.80
N MET C 60 0.63 8.53 16.22
CA MET C 60 -0.72 8.50 16.86
C MET C 60 -1.24 7.07 16.88
N LEU C 61 -1.21 6.38 15.73
CA LEU C 61 -1.55 4.93 15.67
C LEU C 61 -0.77 4.17 16.76
N ARG C 62 0.50 4.54 16.99
CA ARG C 62 1.42 3.85 17.94
C ARG C 62 0.95 4.09 19.38
N ASP C 63 0.45 5.29 19.71
CA ASP C 63 0.25 5.75 21.12
C ASP C 63 -1.21 5.60 21.56
N LYS C 64 -2.15 6.14 20.77
CA LYS C 64 -3.59 6.18 21.16
C LYS C 64 -4.34 5.03 20.45
N GLY C 65 -3.97 4.74 19.21
CA GLY C 65 -4.60 3.70 18.38
C GLY C 65 -5.53 4.30 17.35
N ALA C 66 -5.83 3.50 16.32
CA ALA C 66 -6.54 3.90 15.09
C ALA C 66 -7.90 4.54 15.41
N GLU C 67 -8.72 3.92 16.25
CA GLU C 67 -10.16 4.29 16.39
C GLU C 67 -10.33 5.30 17.54
N LYS C 68 -9.23 5.92 17.99
CA LYS C 68 -9.21 7.09 18.93
C LYS C 68 -8.54 8.30 18.26
N ILE C 69 -8.39 8.28 16.95
CA ILE C 69 -7.82 9.36 16.09
C ILE C 69 -8.97 9.99 15.29
N THR C 70 -9.08 11.32 15.35
CA THR C 70 -10.07 12.14 14.60
C THR C 70 -9.35 12.87 13.47
N ASN C 71 -10.10 13.40 12.49
CA ASN C 71 -9.60 14.26 11.41
C ASN C 71 -8.69 15.35 12.01
N ASP C 72 -9.14 15.95 13.12
CA ASP C 72 -8.51 17.16 13.69
C ASP C 72 -7.12 16.81 14.25
N ASP C 73 -6.91 15.56 14.69
CA ASP C 73 -5.62 15.03 15.19
C ASP C 73 -4.58 14.95 14.06
N VAL C 74 -4.99 14.61 12.84
CA VAL C 74 -4.01 14.34 11.75
C VAL C 74 -3.90 15.57 10.83
N ILE C 75 -5.00 16.28 10.54
CA ILE C 75 -4.98 17.44 9.61
C ILE C 75 -4.99 18.73 10.43
N LYS C 76 -3.93 19.54 10.34
CA LYS C 76 -3.83 20.84 11.03
C LYS C 76 -3.87 21.93 9.96
N LYS C 77 -4.42 23.10 10.31
CA LYS C 77 -4.52 24.29 9.42
C LYS C 77 -3.50 25.32 9.89
N GLY C 78 -2.75 25.90 8.97
CA GLY C 78 -1.66 26.85 9.28
C GLY C 78 -1.90 28.15 8.54
N PHE C 79 -0.81 28.78 8.11
CA PHE C 79 -0.82 30.01 7.28
C PHE C 79 -1.89 29.89 6.19
N LEU C 80 -2.82 30.86 6.16
CA LEU C 80 -3.91 31.00 5.16
C LEU C 80 -4.70 29.69 5.04
N ASP C 81 -4.86 28.97 6.15
CA ASP C 81 -5.68 27.73 6.27
C ASP C 81 -5.11 26.61 5.38
N ILE C 82 -3.81 26.67 5.05
CA ILE C 82 -3.16 25.52 4.37
C ILE C 82 -3.29 24.31 5.30
N GLN C 83 -3.85 23.21 4.78
CA GLN C 83 -4.05 21.96 5.54
C GLN C 83 -2.76 21.14 5.46
N CYS C 84 -2.37 20.54 6.58
CA CYS C 84 -1.06 19.84 6.74
C CYS C 84 -1.28 18.48 7.39
N VAL C 85 -0.63 17.45 6.84
CA VAL C 85 -0.53 16.08 7.38
C VAL C 85 0.93 15.62 7.40
N GLU C 86 1.33 14.88 8.44
CA GLU C 86 2.61 14.15 8.49
C GLU C 86 2.32 12.64 8.54
N SER C 87 2.77 11.90 7.51
CA SER C 87 2.62 10.42 7.42
C SER C 87 3.34 9.77 8.61
N GLY C 88 4.58 10.20 8.84
CA GLY C 88 5.53 9.54 9.76
C GLY C 88 6.00 8.22 9.17
N GLY C 89 6.59 7.36 9.99
CA GLY C 89 7.03 6.04 9.53
C GLY C 89 7.28 5.10 10.69
N PRO C 90 7.56 3.80 10.42
CA PRO C 90 7.87 2.87 11.49
C PRO C 90 9.24 3.21 12.08
N GLU C 91 9.54 2.60 13.23
CA GLU C 91 10.87 2.65 13.87
C GLU C 91 11.90 2.15 12.85
N PRO C 92 13.11 2.78 12.83
CA PRO C 92 14.20 2.30 11.98
C PRO C 92 14.42 0.80 12.25
N GLY C 93 14.53 0.04 11.16
CA GLY C 93 14.74 -1.41 11.21
C GLY C 93 13.44 -2.17 10.99
N VAL C 94 12.29 -1.56 11.33
CA VAL C 94 10.95 -2.22 11.38
C VAL C 94 10.25 -2.06 10.03
N GLY C 95 10.10 -3.15 9.30
CA GLY C 95 9.26 -3.21 8.09
C GLY C 95 9.69 -2.21 7.04
N CYS C 96 8.73 -1.67 6.28
CA CYS C 96 8.96 -0.73 5.17
C CYS C 96 9.11 0.70 5.70
N ALA C 97 10.17 1.42 5.34
CA ALA C 97 10.39 2.83 5.75
C ALA C 97 9.26 3.73 5.25
N GLY C 98 8.58 3.33 4.17
CA GLY C 98 7.45 4.08 3.57
C GLY C 98 6.09 3.54 4.01
N ARG C 99 5.99 2.66 5.01
CA ARG C 99 4.67 2.08 5.46
C ARG C 99 3.76 3.22 5.93
N GLY C 100 4.31 4.26 6.55
CA GLY C 100 3.52 5.41 7.03
C GLY C 100 2.90 6.19 5.89
N VAL C 101 3.66 6.37 4.80
CA VAL C 101 3.18 7.13 3.61
C VAL C 101 1.96 6.38 3.04
N ILE C 102 2.03 5.06 2.97
CA ILE C 102 0.96 4.21 2.38
C ILE C 102 -0.26 4.31 3.31
N THR C 103 -0.09 4.07 4.61
CA THR C 103 -1.15 4.16 5.65
C THR C 103 -1.81 5.53 5.53
N ALA C 104 -1.00 6.60 5.44
CA ALA C 104 -1.48 8.00 5.51
C ALA C 104 -2.26 8.33 4.24
N ILE C 105 -1.73 8.00 3.07
CA ILE C 105 -2.43 8.30 1.79
C ILE C 105 -3.71 7.45 1.73
N ASP C 106 -3.65 6.18 2.12
CA ASP C 106 -4.84 5.28 2.21
C ASP C 106 -5.92 5.93 3.10
N LEU C 107 -5.56 6.44 4.28
CA LEU C 107 -6.49 7.07 5.24
C LEU C 107 -7.10 8.34 4.63
N MET C 108 -6.31 9.16 3.94
CA MET C 108 -6.79 10.41 3.31
C MET C 108 -7.77 10.04 2.18
N GLU C 109 -7.52 8.96 1.43
CA GLU C 109 -8.44 8.47 0.37
C GLU C 109 -9.73 7.96 1.02
N GLU C 110 -9.60 7.12 2.07
CA GLU C 110 -10.72 6.59 2.87
C GLU C 110 -11.64 7.73 3.30
N ASN C 111 -11.09 8.79 3.89
CA ASN C 111 -11.87 9.83 4.61
C ASN C 111 -12.23 11.01 3.68
N GLY C 112 -11.95 10.92 2.38
CA GLY C 112 -12.18 12.02 1.41
C GLY C 112 -11.49 13.34 1.77
N ALA C 113 -10.33 13.27 2.42
CA ALA C 113 -9.58 14.45 2.93
C ALA C 113 -9.12 15.36 1.78
N TYR C 114 -8.87 14.81 0.58
CA TYR C 114 -8.42 15.62 -0.59
C TYR C 114 -9.65 16.17 -1.31
N THR C 115 -10.29 17.16 -0.71
CA THR C 115 -11.63 17.67 -1.14
C THR C 115 -11.50 18.34 -2.50
N ASP C 116 -12.59 18.32 -3.26
CA ASP C 116 -12.66 18.78 -4.68
C ASP C 116 -12.41 20.29 -4.75
N ASP C 117 -12.57 21.01 -3.63
CA ASP C 117 -12.34 22.48 -3.60
C ASP C 117 -10.85 22.81 -3.39
N LEU C 118 -9.97 21.81 -3.19
CA LEU C 118 -8.51 22.10 -3.15
C LEU C 118 -8.02 22.42 -4.55
N ASP C 119 -7.19 23.44 -4.71
CA ASP C 119 -6.50 23.72 -6.00
C ASP C 119 -5.27 22.82 -6.13
N PHE C 120 -4.58 22.56 -5.02
CA PHE C 120 -3.28 21.82 -5.00
C PHE C 120 -3.18 20.93 -3.77
N VAL C 121 -2.77 19.68 -4.00
CA VAL C 121 -2.14 18.81 -2.98
C VAL C 121 -0.66 18.66 -3.33
N PHE C 122 0.21 18.93 -2.36
CA PHE C 122 1.67 18.67 -2.45
C PHE C 122 2.01 17.48 -1.56
N PHE C 123 2.58 16.43 -2.18
CA PHE C 123 3.30 15.35 -1.49
C PHE C 123 4.79 15.69 -1.44
N ASP C 124 5.33 15.84 -0.24
CA ASP C 124 6.78 16.09 0.02
C ASP C 124 7.41 14.71 0.31
N VAL C 125 8.05 14.12 -0.68
CA VAL C 125 8.41 12.67 -0.69
C VAL C 125 9.93 12.48 -0.58
N LEU C 126 10.36 11.66 0.37
CA LEU C 126 11.74 11.15 0.44
C LEU C 126 12.10 10.57 -0.94
N GLY C 127 13.28 10.90 -1.44
CA GLY C 127 13.76 10.44 -2.75
C GLY C 127 15.10 9.70 -2.70
N ASP C 128 15.59 9.30 -1.52
CA ASP C 128 16.94 8.69 -1.38
C ASP C 128 16.87 7.21 -1.78
N VAL C 129 15.68 6.62 -1.73
CA VAL C 129 15.40 5.31 -2.40
C VAL C 129 14.18 5.51 -3.28
N VAL C 130 14.16 4.79 -4.37
CA VAL C 130 13.17 4.81 -5.46
C VAL C 130 12.61 3.39 -5.48
N CYS C 131 11.45 3.21 -4.83
CA CYS C 131 10.96 1.84 -4.49
C CYS C 131 9.44 1.90 -4.34
N GLY C 132 8.80 0.75 -4.20
CA GLY C 132 7.36 0.65 -3.92
C GLY C 132 7.01 1.48 -2.70
N GLY C 133 7.91 1.55 -1.71
CA GLY C 133 7.71 2.22 -0.42
C GLY C 133 7.42 3.70 -0.58
N PHE C 134 8.00 4.35 -1.60
CA PHE C 134 7.90 5.84 -1.77
C PHE C 134 7.22 6.17 -3.12
N ALA C 135 6.57 5.16 -3.73
CA ALA C 135 5.88 5.25 -5.02
C ALA C 135 4.42 5.61 -4.83
N MET C 136 3.85 5.41 -3.63
CA MET C 136 2.41 5.67 -3.39
C MET C 136 2.02 7.08 -3.86
N PRO C 137 2.78 8.15 -3.53
CA PRO C 137 2.40 9.51 -3.94
C PRO C 137 2.19 9.65 -5.46
N ILE C 138 2.78 8.77 -6.26
CA ILE C 138 2.75 8.77 -7.76
C ILE C 138 1.76 7.73 -8.34
N ARG C 139 1.31 6.74 -7.56
CA ARG C 139 0.37 5.67 -7.97
C ARG C 139 -0.94 6.27 -8.52
N ASP C 140 -1.76 5.48 -9.20
CA ASP C 140 -2.95 5.96 -9.94
C ASP C 140 -3.96 6.53 -8.92
N GLY C 141 -4.62 7.66 -9.21
CA GLY C 141 -5.46 8.36 -8.22
C GLY C 141 -4.69 9.44 -7.46
N LYS C 142 -3.34 9.48 -7.48
CA LYS C 142 -2.56 10.45 -6.65
C LYS C 142 -1.91 11.52 -7.55
N ALA C 143 -0.64 11.85 -7.31
CA ALA C 143 0.12 12.88 -8.03
C ALA C 143 0.37 12.51 -9.49
N GLN C 144 -0.09 13.43 -10.35
CA GLN C 144 0.01 13.36 -11.83
C GLN C 144 1.27 14.13 -12.25
N GLU C 145 1.68 15.14 -11.50
CA GLU C 145 2.87 15.94 -11.87
C GLU C 145 3.90 15.92 -10.75
N VAL C 146 5.15 15.81 -11.17
CA VAL C 146 6.34 15.67 -10.29
C VAL C 146 7.27 16.82 -10.60
N TYR C 147 7.79 17.45 -9.57
CA TYR C 147 9.01 18.29 -9.69
C TYR C 147 10.09 17.63 -8.83
N ILE C 148 11.29 17.67 -9.32
CA ILE C 148 12.48 17.16 -8.59
C ILE C 148 13.30 18.37 -8.18
N VAL C 149 13.61 18.45 -6.90
CA VAL C 149 14.53 19.48 -6.35
C VAL C 149 15.93 18.89 -6.48
N ALA C 150 16.85 19.65 -7.07
CA ALA C 150 18.27 19.23 -7.15
C ALA C 150 19.16 20.46 -7.02
N SER C 151 20.46 20.24 -7.12
CA SER C 151 21.51 21.29 -7.02
C SER C 151 22.70 20.82 -7.85
N GLY C 152 23.78 21.61 -7.85
CA GLY C 152 25.07 21.23 -8.46
C GLY C 152 25.73 19.96 -7.93
N GLU C 153 25.35 19.37 -6.79
CA GLU C 153 26.18 18.28 -6.17
C GLU C 153 25.91 16.93 -6.85
N MET C 154 26.94 16.11 -6.99
CA MET C 154 26.82 14.84 -7.74
C MET C 154 25.67 13.98 -7.21
N MET C 155 25.55 13.87 -5.90
CA MET C 155 24.57 12.94 -5.31
C MET C 155 23.14 13.48 -5.55
N ALA C 156 22.97 14.81 -5.64
CA ALA C 156 21.68 15.46 -5.94
C ALA C 156 21.23 15.12 -7.36
N ILE C 157 22.14 15.15 -8.33
CA ILE C 157 21.83 14.82 -9.76
C ILE C 157 21.72 13.30 -9.88
N TYR C 158 22.56 12.54 -9.19
CA TYR C 158 22.42 11.06 -9.16
C TYR C 158 20.98 10.73 -8.71
N ALA C 159 20.54 11.33 -7.60
CA ALA C 159 19.20 11.07 -7.01
C ALA C 159 18.12 11.46 -8.02
N ALA C 160 18.25 12.62 -8.68
CA ALA C 160 17.30 13.13 -9.72
C ALA C 160 17.16 12.07 -10.82
N ASN C 161 18.29 11.60 -11.33
CA ASN C 161 18.33 10.57 -12.41
C ASN C 161 17.63 9.30 -11.96
N ASN C 162 17.92 8.85 -10.74
CA ASN C 162 17.34 7.62 -10.13
C ASN C 162 15.84 7.82 -10.01
N ILE C 163 15.39 8.98 -9.51
CA ILE C 163 13.94 9.28 -9.39
C ILE C 163 13.33 9.19 -10.77
N CYS C 164 13.99 9.72 -11.79
CA CYS C 164 13.47 9.70 -13.19
C CYS C 164 13.27 8.25 -13.67
N LYS C 165 14.12 7.32 -13.25
CA LYS C 165 13.92 5.88 -13.60
C LYS C 165 12.61 5.38 -12.99
N GLY C 166 12.32 5.79 -11.74
CA GLY C 166 11.04 5.50 -11.07
C GLY C 166 9.85 6.00 -11.89
N LEU C 167 9.93 7.24 -12.36
CA LEU C 167 8.85 7.93 -13.13
C LEU C 167 8.65 7.20 -14.46
N VAL C 168 9.72 6.78 -15.14
CA VAL C 168 9.60 6.00 -16.40
C VAL C 168 8.77 4.73 -16.08
N LYS C 169 9.10 4.01 -15.03
CA LYS C 169 8.42 2.74 -14.66
C LYS C 169 6.91 2.95 -14.45
N TYR C 170 6.46 4.09 -13.91
CA TYR C 170 5.03 4.36 -13.62
C TYR C 170 4.35 5.26 -14.67
N ALA C 171 5.05 5.66 -15.74
CA ALA C 171 4.55 6.57 -16.79
C ALA C 171 3.23 6.07 -17.39
N LYS C 172 3.12 4.78 -17.76
CA LYS C 172 1.90 4.23 -18.40
C LYS C 172 0.87 3.84 -17.33
N GLN C 173 1.34 3.19 -16.27
CA GLN C 173 0.58 2.71 -15.10
C GLN C 173 -0.29 3.82 -14.50
N SER C 174 0.31 4.95 -14.10
CA SER C 174 -0.37 6.04 -13.36
C SER C 174 -0.60 7.26 -14.26
N GLY C 175 0.14 7.42 -15.33
CA GLY C 175 0.08 8.65 -16.16
C GLY C 175 0.94 9.77 -15.54
N VAL C 176 1.79 9.44 -14.57
CA VAL C 176 2.72 10.43 -13.92
C VAL C 176 3.66 11.04 -14.96
N ARG C 177 3.90 12.34 -14.86
CA ARG C 177 4.82 13.08 -15.76
C ARG C 177 5.74 14.00 -14.93
N LEU C 178 6.92 14.28 -15.47
CA LEU C 178 7.91 15.20 -14.88
C LEU C 178 7.65 16.58 -15.45
N GLY C 179 7.45 17.56 -14.56
CA GLY C 179 7.14 18.96 -14.92
C GLY C 179 8.39 19.81 -15.00
N GLY C 180 9.51 19.35 -14.44
CA GLY C 180 10.72 20.18 -14.33
C GLY C 180 11.59 19.79 -13.14
N ILE C 181 12.85 20.26 -13.18
CA ILE C 181 13.78 20.24 -12.03
C ILE C 181 13.84 21.67 -11.49
N ILE C 182 13.68 21.82 -10.18
CA ILE C 182 13.92 23.07 -9.42
C ILE C 182 15.35 23.01 -8.90
N CYS C 183 16.19 23.95 -9.31
CA CYS C 183 17.55 24.10 -8.76
C CYS C 183 17.44 24.89 -7.46
N ASN C 184 17.60 24.20 -6.33
CA ASN C 184 17.72 24.85 -5.01
C ASN C 184 19.21 25.05 -4.80
N SER C 185 19.71 26.24 -5.12
CA SER C 185 21.17 26.55 -5.25
C SER C 185 21.92 26.21 -3.98
N ARG C 186 23.11 25.64 -4.11
CA ARG C 186 24.07 25.47 -2.99
C ARG C 186 25.20 26.49 -3.13
N LYS C 187 25.03 27.52 -3.98
CA LYS C 187 25.99 28.64 -4.14
C LYS C 187 27.35 28.08 -4.56
N VAL C 188 27.37 27.27 -5.62
CA VAL C 188 28.61 26.69 -6.22
C VAL C 188 28.67 27.11 -7.68
N ASP C 189 29.89 27.37 -8.18
CA ASP C 189 30.21 27.59 -9.62
C ASP C 189 29.82 26.37 -10.46
N GLY C 190 29.30 26.63 -11.66
CA GLY C 190 28.95 25.58 -12.66
C GLY C 190 27.51 25.10 -12.50
N GLU C 191 26.87 25.45 -11.39
CA GLU C 191 25.59 24.83 -10.93
C GLU C 191 24.53 25.00 -12.04
N ARG C 192 24.36 26.23 -12.52
CA ARG C 192 23.34 26.58 -13.55
C ARG C 192 23.63 25.82 -14.85
N GLU C 193 24.89 25.78 -15.29
CA GLU C 193 25.34 25.11 -16.54
C GLU C 193 25.15 23.60 -16.41
N PHE C 194 25.51 23.05 -15.24
CA PHE C 194 25.35 21.61 -14.92
C PHE C 194 23.89 21.21 -15.11
N LEU C 195 22.97 21.96 -14.52
CA LEU C 195 21.54 21.58 -14.47
C LEU C 195 20.89 21.82 -15.84
N GLU C 196 21.37 22.82 -16.59
CA GLU C 196 20.86 23.10 -17.93
C GLU C 196 21.16 21.87 -18.79
N GLU C 197 22.39 21.36 -18.72
CA GLU C 197 22.87 20.19 -19.49
C GLU C 197 22.12 18.92 -19.06
N PHE C 198 22.00 18.71 -17.74
CA PHE C 198 21.36 17.49 -17.21
C PHE C 198 19.89 17.48 -17.66
N THR C 199 19.18 18.59 -17.48
CA THR C 199 17.73 18.67 -17.80
C THR C 199 17.52 18.50 -19.32
N ALA C 200 18.36 19.12 -20.17
CA ALA C 200 18.27 18.97 -21.64
C ALA C 200 18.42 17.48 -22.00
N ALA C 201 19.45 16.84 -21.44
CA ALA C 201 19.83 15.44 -21.74
C ALA C 201 18.68 14.47 -21.38
N ILE C 202 17.97 14.68 -20.27
CA ILE C 202 16.86 13.77 -19.83
C ILE C 202 15.51 14.23 -20.41
N GLY C 203 15.51 15.37 -21.13
CA GLY C 203 14.34 15.83 -21.91
C GLY C 203 13.36 16.65 -21.09
N THR C 204 13.82 17.33 -20.04
CA THR C 204 12.97 18.27 -19.26
C THR C 204 13.68 19.62 -19.25
N LYS C 205 13.37 20.46 -18.27
CA LYS C 205 13.88 21.85 -18.13
C LYS C 205 14.16 22.09 -16.66
N MET C 206 15.08 23.00 -16.36
CA MET C 206 15.17 23.59 -15.00
C MET C 206 14.14 24.72 -14.91
N ILE C 207 13.02 24.45 -14.25
CA ILE C 207 11.82 25.33 -14.26
C ILE C 207 12.13 26.63 -13.48
N HIS C 208 12.99 26.56 -12.46
CA HIS C 208 13.27 27.74 -11.61
C HIS C 208 14.58 27.60 -10.85
N PHE C 209 15.30 28.71 -10.71
CA PHE C 209 16.54 28.78 -9.89
C PHE C 209 16.20 29.45 -8.56
N VAL C 210 16.23 28.67 -7.48
CA VAL C 210 15.97 29.22 -6.11
C VAL C 210 17.32 29.57 -5.49
N PRO C 211 17.62 30.87 -5.28
CA PRO C 211 18.89 31.26 -4.68
C PRO C 211 18.99 30.76 -3.23
N ARG C 212 20.21 30.45 -2.81
CA ARG C 212 20.62 30.29 -1.40
C ARG C 212 20.57 31.68 -0.74
N ASP C 213 19.72 31.88 0.27
CA ASP C 213 19.45 33.21 0.85
C ASP C 213 19.14 33.04 2.34
N ASN C 214 19.89 33.76 3.19
CA ASN C 214 19.80 33.56 4.66
C ASN C 214 18.45 34.08 5.21
N ILE C 215 17.62 34.76 4.41
CA ILE C 215 16.20 35.10 4.75
C ILE C 215 15.44 33.82 5.12
N VAL C 216 15.79 32.67 4.52
CA VAL C 216 15.15 31.37 4.84
C VAL C 216 15.34 31.06 6.34
N GLN C 217 16.57 31.17 6.86
CA GLN C 217 16.90 30.90 8.29
C GLN C 217 16.32 32.00 9.20
N LYS C 218 16.26 33.25 8.76
CA LYS C 218 15.60 34.34 9.52
C LYS C 218 14.11 33.97 9.68
N ALA C 219 13.48 33.50 8.60
CA ALA C 219 12.05 33.13 8.60
C ALA C 219 11.86 31.88 9.47
N GLU C 220 12.77 30.90 9.40
CA GLU C 220 12.69 29.67 10.23
C GLU C 220 12.71 30.05 11.71
N PHE C 221 13.59 30.97 12.12
CA PHE C 221 13.74 31.46 13.53
C PHE C 221 12.41 32.03 14.00
N ASN C 222 11.65 32.66 13.09
CA ASN C 222 10.30 33.23 13.38
C ASN C 222 9.20 32.19 13.11
N LYS C 223 9.58 30.92 12.86
CA LYS C 223 8.64 29.77 12.70
C LYS C 223 7.74 29.97 11.47
N LYS C 224 8.29 30.53 10.40
CA LYS C 224 7.49 30.99 9.23
C LYS C 224 8.22 30.66 7.93
N THR C 225 7.43 30.50 6.87
CA THR C 225 7.91 30.57 5.49
C THR C 225 8.35 32.00 5.19
N VAL C 226 9.06 32.22 4.09
CA VAL C 226 9.54 33.56 3.68
C VAL C 226 8.33 34.40 3.25
N THR C 227 7.36 33.81 2.57
CA THR C 227 6.13 34.52 2.12
C THR C 227 5.38 35.06 3.35
N GLU C 228 5.22 34.24 4.40
CA GLU C 228 4.53 34.70 5.63
C GLU C 228 5.39 35.77 6.32
N PHE C 229 6.68 35.51 6.49
CA PHE C 229 7.61 36.35 7.29
C PHE C 229 7.78 37.73 6.66
N ALA C 230 7.86 37.81 5.33
CA ALA C 230 8.30 39.04 4.62
C ALA C 230 7.92 38.93 3.16
N PRO C 231 6.61 39.08 2.82
CA PRO C 231 6.14 38.87 1.46
C PRO C 231 6.66 39.87 0.41
N GLU C 232 7.31 40.95 0.85
CA GLU C 232 7.85 42.00 -0.07
C GLU C 232 9.32 41.71 -0.38
N GLU C 233 9.95 40.76 0.34
CA GLU C 233 11.34 40.34 0.08
C GLU C 233 11.43 39.66 -1.30
N ASN C 234 12.57 39.81 -1.95
CA ASN C 234 12.89 39.21 -3.27
C ASN C 234 12.66 37.70 -3.16
N GLN C 235 13.07 37.05 -2.06
CA GLN C 235 13.00 35.56 -1.95
C GLN C 235 11.53 35.14 -1.95
N ALA C 236 10.63 35.89 -1.31
CA ALA C 236 9.18 35.63 -1.34
C ALA C 236 8.70 35.74 -2.80
N LYS C 237 9.18 36.73 -3.54
CA LYS C 237 8.82 36.97 -4.95
C LYS C 237 9.32 35.81 -5.83
N GLU C 238 10.49 35.23 -5.51
CA GLU C 238 11.04 34.03 -6.19
C GLU C 238 10.03 32.87 -6.03
N TYR C 239 9.52 32.62 -4.82
CA TYR C 239 8.53 31.53 -4.59
C TYR C 239 7.21 31.87 -5.29
N GLY C 240 6.82 33.15 -5.32
CA GLY C 240 5.62 33.59 -6.05
C GLY C 240 5.74 33.30 -7.53
N GLU C 241 6.96 33.49 -8.07
CA GLU C 241 7.29 33.21 -9.49
C GLU C 241 7.29 31.70 -9.71
N LEU C 242 7.92 30.91 -8.83
CA LEU C 242 7.91 29.42 -8.95
C LEU C 242 6.45 28.97 -8.93
N ALA C 243 5.65 29.51 -8.01
CA ALA C 243 4.20 29.21 -7.87
C ALA C 243 3.51 29.46 -9.22
N ARG C 244 3.80 30.61 -9.86
CA ARG C 244 3.18 30.99 -11.15
C ARG C 244 3.52 29.95 -12.22
N LYS C 245 4.79 29.57 -12.34
CA LYS C 245 5.33 28.66 -13.37
C LYS C 245 4.73 27.27 -13.17
N ILE C 246 4.46 26.85 -11.93
CA ILE C 246 3.78 25.57 -11.64
C ILE C 246 2.32 25.67 -12.10
N ILE C 247 1.61 26.72 -11.70
CA ILE C 247 0.21 26.96 -12.16
C ILE C 247 0.17 26.87 -13.69
N GLU C 248 1.10 27.54 -14.37
CA GLU C 248 1.01 27.76 -15.84
C GLU C 248 1.74 26.66 -16.61
N ASN C 249 2.40 25.71 -15.92
CA ASN C 249 3.24 24.70 -16.59
C ASN C 249 2.35 23.89 -17.54
N ASP C 250 2.77 23.71 -18.79
CA ASP C 250 2.07 22.80 -19.73
C ASP C 250 3.07 21.82 -20.34
N GLU C 251 4.30 21.74 -19.81
CA GLU C 251 5.38 20.88 -20.35
C GLU C 251 5.64 19.72 -19.39
N PHE C 252 4.94 18.60 -19.60
CA PHE C 252 5.02 17.38 -18.78
C PHE C 252 5.54 16.23 -19.64
N VAL C 253 6.66 15.64 -19.24
CA VAL C 253 7.41 14.64 -20.05
C VAL C 253 7.54 13.31 -19.30
N ILE C 254 7.77 12.26 -20.06
CA ILE C 254 8.42 11.02 -19.56
C ILE C 254 9.90 11.28 -19.74
N PRO C 255 10.69 11.35 -18.64
CA PRO C 255 12.10 11.70 -18.78
C PRO C 255 12.87 10.54 -19.41
N LYS C 256 14.08 10.81 -19.90
CA LYS C 256 14.97 9.80 -20.53
C LYS C 256 16.22 9.75 -19.67
N PRO C 257 16.23 8.92 -18.59
CA PRO C 257 17.32 8.94 -17.63
C PRO C 257 18.68 8.63 -18.27
N LEU C 258 19.76 9.22 -17.74
CA LEU C 258 21.13 8.94 -18.24
C LEU C 258 21.55 7.54 -17.79
N THR C 259 22.47 6.91 -18.54
CA THR C 259 23.15 5.65 -18.13
C THR C 259 24.20 6.00 -17.07
N MET C 260 24.69 5.03 -16.32
CA MET C 260 25.81 5.19 -15.36
C MET C 260 26.95 5.99 -16.02
N ASP C 261 27.38 5.62 -17.23
CA ASP C 261 28.58 6.25 -17.85
C ASP C 261 28.27 7.71 -18.18
N GLN C 262 27.10 7.98 -18.76
CA GLN C 262 26.70 9.36 -19.13
C GLN C 262 26.63 10.26 -17.88
N LEU C 263 26.00 9.77 -16.81
CA LEU C 263 25.88 10.54 -15.54
C LEU C 263 27.30 10.80 -15.00
N GLU C 264 28.14 9.78 -14.91
CA GLU C 264 29.52 9.90 -14.34
C GLU C 264 30.33 10.90 -15.18
N ASP C 265 30.24 10.84 -16.52
CA ASP C 265 31.02 11.73 -17.42
C ASP C 265 30.53 13.17 -17.20
N MET C 266 29.22 13.37 -17.08
CA MET C 266 28.65 14.73 -16.91
C MET C 266 29.02 15.33 -15.53
N VAL C 267 29.04 14.51 -14.48
CA VAL C 267 29.47 14.95 -13.11
C VAL C 267 30.93 15.40 -13.14
N VAL C 268 31.84 14.64 -13.75
CA VAL C 268 33.29 15.03 -13.77
C VAL C 268 33.46 16.27 -14.66
N LYS C 269 32.66 16.43 -15.72
CA LYS C 269 32.76 17.61 -16.63
C LYS C 269 32.37 18.90 -15.89
N TYR C 270 31.37 18.88 -15.01
CA TYR C 270 30.83 20.10 -14.36
C TYR C 270 31.14 20.06 -12.86
N GLY C 271 30.23 19.49 -12.05
CA GLY C 271 30.30 19.40 -10.58
C GLY C 271 31.67 18.94 -10.11
N THR D 1 36.20 -14.81 11.31
CA THR D 1 36.04 -13.73 10.31
C THR D 1 35.25 -12.60 10.96
N ARG D 2 35.73 -11.36 10.86
CA ARG D 2 34.97 -10.19 11.36
C ARG D 2 34.03 -9.73 10.24
N LYS D 3 32.74 -9.66 10.55
CA LYS D 3 31.68 -9.27 9.62
C LYS D 3 31.30 -7.82 9.96
N VAL D 4 31.58 -6.89 9.07
CA VAL D 4 31.52 -5.43 9.31
C VAL D 4 30.53 -4.83 8.33
N ALA D 5 29.56 -4.09 8.82
CA ALA D 5 28.61 -3.32 7.99
C ALA D 5 28.94 -1.84 8.11
N ILE D 6 29.06 -1.20 6.95
CA ILE D 6 29.36 0.25 6.80
C ILE D 6 28.08 0.94 6.33
N TYR D 7 27.56 1.85 7.15
CA TYR D 7 26.28 2.54 6.98
C TYR D 7 26.52 4.05 6.94
N GLY D 8 25.53 4.81 6.47
CA GLY D 8 25.65 6.26 6.35
C GLY D 8 24.79 6.80 5.23
N LYS D 9 24.62 8.11 5.17
CA LYS D 9 23.72 8.73 4.14
C LYS D 9 24.40 8.59 2.76
N GLY D 10 23.61 8.60 1.69
CA GLY D 10 24.08 8.66 0.30
C GLY D 10 25.09 9.78 0.09
N GLY D 11 26.23 9.47 -0.55
CA GLY D 11 27.23 10.47 -0.93
C GLY D 11 28.19 10.78 0.20
N ILE D 12 28.10 10.09 1.34
CA ILE D 12 28.90 10.46 2.54
C ILE D 12 30.33 9.92 2.42
N GLY D 13 30.57 8.88 1.62
CA GLY D 13 31.88 8.25 1.42
C GLY D 13 31.92 6.80 1.88
N LYS D 14 30.79 6.11 1.93
CA LYS D 14 30.77 4.69 2.35
C LYS D 14 31.69 3.86 1.43
N SER D 15 31.50 3.95 0.11
CA SER D 15 32.21 3.07 -0.86
C SER D 15 33.69 3.49 -0.99
N THR D 16 33.96 4.79 -0.90
CA THR D 16 35.34 5.32 -0.87
C THR D 16 36.05 4.77 0.37
N THR D 17 35.43 4.90 1.53
CA THR D 17 36.00 4.48 2.83
C THR D 17 36.17 2.95 2.83
N THR D 18 35.15 2.18 2.41
CA THR D 18 35.16 0.70 2.44
C THR D 18 36.29 0.19 1.53
N GLN D 19 36.33 0.63 0.27
CA GLN D 19 37.27 0.11 -0.74
C GLN D 19 38.71 0.47 -0.31
N ASN D 20 38.94 1.68 0.14
CA ASN D 20 40.30 2.17 0.52
C ASN D 20 40.77 1.45 1.76
N THR D 21 39.88 1.26 2.75
CA THR D 21 40.16 0.50 4.00
C THR D 21 40.43 -0.95 3.62
N ALA D 22 39.63 -1.55 2.73
CA ALA D 22 39.81 -2.96 2.29
C ALA D 22 41.20 -3.10 1.64
N ALA D 23 41.57 -2.18 0.75
CA ALA D 23 42.88 -2.18 0.05
C ALA D 23 44.02 -1.99 1.07
N ALA D 24 43.84 -1.11 2.05
CA ALA D 24 44.82 -0.83 3.13
C ALA D 24 44.98 -2.05 4.05
N LEU D 25 43.89 -2.74 4.40
CA LEU D 25 43.92 -3.98 5.22
C LEU D 25 44.73 -5.06 4.48
N ALA D 26 44.56 -5.22 3.16
CA ALA D 26 45.26 -6.23 2.35
C ALA D 26 46.74 -5.83 2.20
N TYR D 27 47.02 -4.57 1.90
CA TYR D 27 48.36 -4.08 1.47
C TYR D 27 49.26 -3.90 2.71
N PHE D 28 48.79 -3.17 3.73
CA PHE D 28 49.56 -2.76 4.93
C PHE D 28 49.46 -3.80 6.05
N HIS D 29 48.41 -4.64 6.09
CA HIS D 29 48.14 -5.51 7.26
C HIS D 29 48.00 -6.99 6.87
N ASP D 30 48.21 -7.32 5.60
CA ASP D 30 48.25 -8.71 5.08
C ASP D 30 46.94 -9.45 5.43
N LYS D 31 45.79 -8.81 5.24
CA LYS D 31 44.45 -9.38 5.60
C LYS D 31 43.73 -9.84 4.34
N LYS D 32 42.98 -10.92 4.46
CA LYS D 32 42.07 -11.44 3.40
C LYS D 32 40.72 -10.74 3.57
N VAL D 33 40.30 -9.98 2.56
CA VAL D 33 39.08 -9.11 2.65
C VAL D 33 38.10 -9.47 1.53
N PHE D 34 36.82 -9.48 1.89
CA PHE D 34 35.64 -9.66 1.00
C PHE D 34 34.79 -8.38 1.12
N ILE D 35 34.41 -7.75 0.01
CA ILE D 35 33.46 -6.59 0.00
C ILE D 35 32.15 -7.06 -0.65
N HIS D 36 31.04 -6.90 0.05
CA HIS D 36 29.68 -7.24 -0.44
C HIS D 36 28.87 -5.93 -0.54
N GLY D 37 28.76 -5.38 -1.72
CA GLY D 37 27.95 -4.18 -2.07
C GLY D 37 26.47 -4.41 -1.81
N CYS D 38 25.87 -3.61 -0.92
CA CYS D 38 24.44 -3.67 -0.48
C CYS D 38 23.81 -2.28 -0.68
N ASP D 39 24.18 -1.62 -1.77
CA ASP D 39 23.72 -0.26 -2.13
C ASP D 39 23.27 -0.32 -3.59
N PRO D 40 22.01 0.09 -3.90
CA PRO D 40 21.49 0.10 -5.26
C PRO D 40 22.41 0.81 -6.29
N LYS D 41 23.23 1.76 -5.82
CA LYS D 41 24.11 2.56 -6.72
C LYS D 41 25.13 1.62 -7.36
N ALA D 42 25.49 0.53 -6.71
CA ALA D 42 26.15 -0.65 -7.32
C ALA D 42 27.51 -0.27 -7.90
N ASP D 43 28.25 0.59 -7.23
CA ASP D 43 29.62 0.98 -7.64
C ASP D 43 30.55 0.78 -6.45
N SER D 44 30.13 -0.06 -5.50
CA SER D 44 30.81 -0.28 -4.20
C SER D 44 32.14 -1.05 -4.39
N THR D 45 32.36 -1.68 -5.55
CA THR D 45 33.53 -2.56 -5.82
C THR D 45 34.36 -2.08 -7.03
N ARG D 46 33.95 -1.01 -7.72
CA ARG D 46 34.50 -0.64 -9.05
C ARG D 46 36.01 -0.32 -8.91
N LEU D 47 36.47 0.24 -7.79
CA LEU D 47 37.87 0.70 -7.63
C LEU D 47 38.80 -0.46 -7.21
N ILE D 48 38.27 -1.46 -6.52
CA ILE D 48 39.01 -2.71 -6.21
C ILE D 48 39.19 -3.51 -7.52
N LEU D 49 38.15 -3.60 -8.36
CA LEU D 49 38.15 -4.31 -9.67
C LEU D 49 38.76 -3.38 -10.74
N GLY D 50 38.76 -3.77 -12.00
CA GLY D 50 39.43 -3.03 -13.10
C GLY D 50 39.04 -1.55 -13.19
N GLY D 51 37.84 -1.20 -12.77
CA GLY D 51 37.22 0.12 -13.05
C GLY D 51 35.84 -0.07 -13.65
N LYS D 52 35.70 -1.08 -14.51
CA LYS D 52 34.42 -1.63 -15.00
C LYS D 52 33.60 -2.03 -13.78
N PRO D 53 32.33 -1.59 -13.69
CA PRO D 53 31.46 -2.07 -12.61
C PRO D 53 31.07 -3.53 -12.88
N GLN D 54 30.99 -4.34 -11.82
CA GLN D 54 30.76 -5.79 -11.94
C GLN D 54 29.26 -6.05 -12.14
N GLU D 55 28.92 -7.15 -12.80
CA GLU D 55 27.51 -7.58 -12.96
C GLU D 55 26.98 -7.82 -11.57
N THR D 56 25.76 -7.39 -11.27
CA THR D 56 25.10 -7.60 -9.96
C THR D 56 24.52 -9.01 -9.94
N LEU D 57 24.43 -9.62 -8.76
CA LEU D 57 23.79 -10.94 -8.55
C LEU D 57 22.37 -10.88 -9.10
N MET D 58 21.65 -9.77 -8.89
CA MET D 58 20.21 -9.73 -9.28
C MET D 58 20.10 -9.75 -10.80
N ASP D 59 20.97 -9.02 -11.50
CA ASP D 59 20.97 -8.94 -12.98
C ASP D 59 21.30 -10.32 -13.57
N MET D 60 22.19 -11.07 -12.94
CA MET D 60 22.55 -12.43 -13.42
C MET D 60 21.39 -13.41 -13.18
N LEU D 61 20.82 -13.43 -11.98
CA LEU D 61 19.58 -14.20 -11.70
C LEU D 61 18.52 -13.88 -12.77
N ARG D 62 18.43 -12.61 -13.18
CA ARG D 62 17.41 -12.15 -14.17
C ARG D 62 17.70 -12.74 -15.56
N ASP D 63 18.97 -12.88 -15.95
CA ASP D 63 19.41 -13.15 -17.35
C ASP D 63 19.72 -14.64 -17.59
N LYS D 64 20.53 -15.26 -16.72
CA LYS D 64 20.97 -16.66 -16.88
C LYS D 64 20.06 -17.60 -16.06
N GLY D 65 19.66 -17.19 -14.85
CA GLY D 65 18.72 -17.96 -14.00
C GLY D 65 19.44 -18.69 -12.88
N ALA D 66 18.72 -19.07 -11.83
CA ALA D 66 19.24 -19.49 -10.51
C ALA D 66 20.21 -20.67 -10.63
N GLU D 67 19.84 -21.73 -11.33
CA GLU D 67 20.59 -23.03 -11.29
C GLU D 67 21.70 -23.04 -12.35
N LYS D 68 21.98 -21.91 -13.00
CA LYS D 68 23.08 -21.72 -13.99
C LYS D 68 24.07 -20.64 -13.53
N ILE D 69 23.97 -20.16 -12.26
CA ILE D 69 24.84 -19.11 -11.69
C ILE D 69 25.79 -19.74 -10.67
N THR D 70 27.10 -19.53 -10.85
CA THR D 70 28.17 -20.12 -10.01
C THR D 70 28.79 -19.01 -9.17
N ASN D 71 29.54 -19.35 -8.13
CA ASN D 71 30.31 -18.39 -7.31
C ASN D 71 31.18 -17.53 -8.24
N ASP D 72 31.78 -18.10 -9.28
CA ASP D 72 32.77 -17.38 -10.15
C ASP D 72 32.06 -16.26 -10.92
N ASP D 73 30.77 -16.41 -11.22
CA ASP D 73 29.93 -15.38 -11.91
C ASP D 73 29.68 -14.17 -11.01
N VAL D 74 29.51 -14.37 -9.71
CA VAL D 74 29.03 -13.29 -8.79
C VAL D 74 30.21 -12.70 -8.00
N ILE D 75 31.21 -13.49 -7.65
CA ILE D 75 32.41 -13.06 -6.88
C ILE D 75 33.56 -12.84 -7.84
N LYS D 76 34.06 -11.61 -7.91
CA LYS D 76 35.21 -11.24 -8.77
C LYS D 76 36.35 -10.84 -7.84
N LYS D 77 37.60 -11.05 -8.26
CA LYS D 77 38.82 -10.75 -7.48
C LYS D 77 39.48 -9.52 -8.09
N GLY D 78 39.89 -8.56 -7.25
CA GLY D 78 40.55 -7.34 -7.72
C GLY D 78 41.93 -7.19 -7.10
N PHE D 79 42.28 -5.96 -6.77
CA PHE D 79 43.53 -5.60 -6.05
C PHE D 79 43.79 -6.60 -4.91
N LEU D 80 44.96 -7.24 -4.95
CA LEU D 80 45.49 -8.21 -3.95
C LEU D 80 44.45 -9.31 -3.68
N ASP D 81 43.69 -9.70 -4.72
CA ASP D 81 42.67 -10.78 -4.69
C ASP D 81 41.54 -10.48 -3.71
N ILE D 82 41.29 -9.21 -3.42
CA ILE D 82 40.07 -8.83 -2.63
C ILE D 82 38.85 -9.31 -3.44
N GLN D 83 37.98 -10.06 -2.79
CA GLN D 83 36.77 -10.66 -3.40
C GLN D 83 35.64 -9.63 -3.31
N CYS D 84 34.88 -9.49 -4.40
CA CYS D 84 33.86 -8.43 -4.57
C CYS D 84 32.56 -9.03 -5.09
N VAL D 85 31.44 -8.62 -4.48
CA VAL D 85 30.05 -8.95 -4.90
C VAL D 85 29.23 -7.64 -4.93
N GLU D 86 28.34 -7.51 -5.91
CA GLU D 86 27.28 -6.45 -5.95
C GLU D 86 25.93 -7.16 -5.89
N SER D 87 25.16 -6.90 -4.83
CA SER D 87 23.80 -7.46 -4.64
C SER D 87 22.92 -7.11 -5.83
N GLY D 88 22.95 -5.83 -6.21
CA GLY D 88 22.00 -5.23 -7.15
C GLY D 88 20.62 -5.13 -6.53
N GLY D 89 19.61 -4.95 -7.37
CA GLY D 89 18.22 -5.06 -6.91
C GLY D 89 17.27 -5.00 -8.10
N PRO D 90 15.96 -4.84 -7.85
CA PRO D 90 14.99 -4.66 -8.92
C PRO D 90 15.22 -3.29 -9.58
N GLU D 91 14.54 -3.05 -10.70
CA GLU D 91 14.56 -1.74 -11.39
C GLU D 91 14.01 -0.69 -10.43
N PRO D 92 14.59 0.52 -10.43
CA PRO D 92 14.14 1.59 -9.54
C PRO D 92 12.63 1.78 -9.69
N GLY D 93 11.93 1.85 -8.57
CA GLY D 93 10.48 2.05 -8.49
C GLY D 93 9.71 0.75 -8.40
N VAL D 94 10.31 -0.37 -8.80
CA VAL D 94 9.69 -1.72 -8.87
C VAL D 94 10.01 -2.45 -7.56
N GLY D 95 9.00 -2.70 -6.73
CA GLY D 95 9.17 -3.49 -5.49
C GLY D 95 10.21 -2.87 -4.56
N CYS D 96 10.87 -3.69 -3.74
CA CYS D 96 11.74 -3.23 -2.63
C CYS D 96 13.18 -3.04 -3.13
N ALA D 97 13.74 -1.86 -3.00
CA ALA D 97 15.10 -1.54 -3.50
C ALA D 97 16.15 -2.32 -2.70
N GLY D 98 15.79 -2.87 -1.53
CA GLY D 98 16.69 -3.68 -0.67
C GLY D 98 16.58 -5.21 -0.92
N ARG D 99 15.68 -5.65 -1.79
CA ARG D 99 15.33 -7.09 -1.95
C ARG D 99 16.57 -7.87 -2.39
N GLY D 100 17.41 -7.28 -3.22
CA GLY D 100 18.62 -7.93 -3.76
C GLY D 100 19.64 -8.20 -2.69
N VAL D 101 19.73 -7.33 -1.67
CA VAL D 101 20.66 -7.51 -0.52
C VAL D 101 20.32 -8.85 0.16
N ILE D 102 19.03 -9.16 0.35
CA ILE D 102 18.57 -10.39 1.05
C ILE D 102 18.96 -11.58 0.18
N THR D 103 18.57 -11.58 -1.10
CA THR D 103 18.86 -12.65 -2.07
C THR D 103 20.37 -12.91 -2.08
N ALA D 104 21.16 -11.83 -2.14
CA ALA D 104 22.63 -11.88 -2.35
C ALA D 104 23.27 -12.47 -1.09
N ILE D 105 22.92 -11.96 0.09
CA ILE D 105 23.53 -12.45 1.35
C ILE D 105 23.10 -13.90 1.59
N ASP D 106 21.83 -14.22 1.36
CA ASP D 106 21.27 -15.61 1.44
C ASP D 106 22.10 -16.55 0.55
N LEU D 107 22.36 -16.16 -0.71
CA LEU D 107 23.11 -17.01 -1.68
C LEU D 107 24.56 -17.18 -1.22
N MET D 108 25.21 -16.13 -0.71
CA MET D 108 26.61 -16.21 -0.25
C MET D 108 26.70 -17.10 0.98
N GLU D 109 25.69 -17.08 1.86
CA GLU D 109 25.65 -17.96 3.07
C GLU D 109 25.40 -19.41 2.60
N GLU D 110 24.43 -19.61 1.69
CA GLU D 110 24.14 -20.91 1.04
C GLU D 110 25.41 -21.54 0.50
N ASN D 111 26.21 -20.80 -0.28
CA ASN D 111 27.32 -21.33 -1.10
C ASN D 111 28.65 -21.25 -0.35
N GLY D 112 28.65 -20.92 0.94
CA GLY D 112 29.87 -20.86 1.78
C GLY D 112 30.90 -19.86 1.26
N ALA D 113 30.48 -18.77 0.63
CA ALA D 113 31.37 -17.76 -0.02
C ALA D 113 32.19 -17.04 1.04
N TYR D 114 31.67 -16.89 2.26
CA TYR D 114 32.32 -16.19 3.38
C TYR D 114 33.22 -17.17 4.13
N THR D 115 34.34 -17.56 3.50
CA THR D 115 35.19 -18.69 3.97
C THR D 115 35.85 -18.30 5.30
N ASP D 116 36.17 -19.30 6.11
CA ASP D 116 36.67 -19.13 7.50
C ASP D 116 38.05 -18.46 7.46
N ASP D 117 38.76 -18.51 6.34
CA ASP D 117 40.11 -17.90 6.21
C ASP D 117 40.01 -16.40 5.89
N LEU D 118 38.81 -15.85 5.66
CA LEU D 118 38.67 -14.37 5.49
C LEU D 118 38.89 -13.69 6.85
N ASP D 119 39.65 -12.60 6.87
CA ASP D 119 39.83 -11.79 8.09
C ASP D 119 38.61 -10.84 8.23
N PHE D 120 38.11 -10.33 7.09
CA PHE D 120 37.03 -9.30 7.07
C PHE D 120 36.07 -9.54 5.91
N VAL D 121 34.78 -9.45 6.21
CA VAL D 121 33.70 -9.16 5.23
C VAL D 121 33.19 -7.76 5.51
N PHE D 122 33.18 -6.89 4.49
CA PHE D 122 32.55 -5.56 4.54
C PHE D 122 31.25 -5.58 3.72
N PHE D 123 30.13 -5.29 4.38
CA PHE D 123 28.84 -4.94 3.76
C PHE D 123 28.79 -3.41 3.64
N ASP D 124 28.73 -2.91 2.40
CA ASP D 124 28.58 -1.46 2.08
C ASP D 124 27.09 -1.19 1.87
N VAL D 125 26.42 -0.65 2.89
CA VAL D 125 24.93 -0.66 2.98
C VAL D 125 24.37 0.76 2.86
N LEU D 126 23.42 0.95 1.95
CA LEU D 126 22.62 2.20 1.91
C LEU D 126 22.04 2.44 3.29
N GLY D 127 22.14 3.68 3.79
CA GLY D 127 21.72 4.03 5.14
C GLY D 127 20.76 5.19 5.19
N ASP D 128 20.19 5.66 4.08
CA ASP D 128 19.24 6.83 4.15
C ASP D 128 17.89 6.36 4.73
N VAL D 129 17.57 5.09 4.50
CA VAL D 129 16.40 4.42 5.14
C VAL D 129 16.94 3.13 5.77
N VAL D 130 16.31 2.72 6.87
CA VAL D 130 16.71 1.51 7.62
C VAL D 130 15.52 0.55 7.59
N CYS D 131 15.44 -0.29 6.56
CA CYS D 131 14.23 -1.09 6.23
C CYS D 131 14.67 -2.25 5.33
N GLY D 132 13.82 -3.26 5.17
CA GLY D 132 14.00 -4.37 4.22
C GLY D 132 15.40 -4.96 4.28
N GLY D 133 15.99 -5.20 3.10
CA GLY D 133 17.32 -5.79 2.94
C GLY D 133 18.39 -4.91 3.52
N PHE D 134 18.16 -3.59 3.61
CA PHE D 134 19.16 -2.63 4.13
C PHE D 134 19.32 -2.86 5.64
N ALA D 135 18.26 -3.31 6.30
CA ALA D 135 18.27 -3.57 7.76
C ALA D 135 18.76 -5.00 8.06
N MET D 136 18.69 -5.92 7.11
CA MET D 136 18.92 -7.37 7.35
C MET D 136 20.27 -7.58 8.06
N PRO D 137 21.38 -6.97 7.59
CA PRO D 137 22.69 -7.17 8.22
C PRO D 137 22.69 -6.90 9.72
N ILE D 138 21.81 -6.00 10.18
CA ILE D 138 21.69 -5.61 11.61
C ILE D 138 20.64 -6.49 12.27
N ARG D 139 19.48 -6.70 11.63
CA ARG D 139 18.37 -7.44 12.30
C ARG D 139 18.76 -8.92 12.43
N ASP D 140 19.37 -9.51 11.40
CA ASP D 140 19.71 -10.96 11.39
C ASP D 140 21.17 -11.20 11.80
N GLY D 141 21.90 -10.16 12.17
CA GLY D 141 23.31 -10.26 12.63
C GLY D 141 24.24 -10.86 11.57
N LYS D 142 24.06 -10.48 10.31
CA LYS D 142 24.98 -10.90 9.21
C LYS D 142 26.30 -10.17 9.40
N ALA D 143 26.26 -8.96 9.98
CA ALA D 143 27.44 -8.26 10.51
C ALA D 143 27.27 -8.17 12.02
N GLN D 144 28.36 -8.35 12.75
CA GLN D 144 28.48 -8.26 14.23
C GLN D 144 28.92 -6.85 14.59
N GLU D 145 29.64 -6.17 13.70
CA GLU D 145 30.10 -4.79 14.01
C GLU D 145 29.70 -3.83 12.89
N VAL D 146 29.29 -2.64 13.31
CA VAL D 146 28.86 -1.53 12.43
C VAL D 146 29.83 -0.36 12.63
N TYR D 147 30.28 0.26 11.55
CA TYR D 147 30.82 1.63 11.60
C TYR D 147 29.90 2.50 10.75
N ILE D 148 29.66 3.70 11.22
CA ILE D 148 28.80 4.66 10.49
C ILE D 148 29.71 5.78 10.01
N VAL D 149 29.68 6.03 8.72
CA VAL D 149 30.38 7.18 8.09
C VAL D 149 29.47 8.40 8.24
N ALA D 150 30.03 9.48 8.74
CA ALA D 150 29.32 10.76 8.87
C ALA D 150 30.30 11.89 8.59
N SER D 151 29.78 13.11 8.69
CA SER D 151 30.50 14.36 8.47
C SER D 151 29.83 15.45 9.31
N GLY D 152 30.32 16.67 9.19
CA GLY D 152 29.74 17.87 9.78
C GLY D 152 28.53 18.31 9.00
N GLU D 153 27.44 17.54 9.03
CA GLU D 153 26.18 17.90 8.32
C GLU D 153 24.99 17.29 9.05
N MET D 154 23.88 18.04 9.10
CA MET D 154 22.64 17.62 9.83
C MET D 154 22.21 16.25 9.29
N MET D 155 22.15 16.09 7.97
CA MET D 155 21.53 14.89 7.37
C MET D 155 22.44 13.66 7.64
N ALA D 156 23.76 13.87 7.74
CA ALA D 156 24.75 12.81 7.99
C ALA D 156 24.53 12.28 9.43
N ILE D 157 24.34 13.19 10.41
CA ILE D 157 24.15 12.75 11.82
C ILE D 157 22.71 12.28 11.98
N TYR D 158 21.72 12.86 11.30
CA TYR D 158 20.34 12.32 11.30
C TYR D 158 20.38 10.86 10.85
N ALA D 159 21.06 10.55 9.74
CA ALA D 159 21.16 9.16 9.21
C ALA D 159 21.83 8.27 10.26
N ALA D 160 22.95 8.74 10.83
CA ALA D 160 23.72 8.03 11.88
C ALA D 160 22.80 7.66 13.05
N ASN D 161 22.09 8.65 13.55
CA ASN D 161 21.15 8.53 14.68
C ASN D 161 20.08 7.47 14.35
N ASN D 162 19.51 7.53 13.16
CA ASN D 162 18.46 6.58 12.69
C ASN D 162 19.06 5.16 12.63
N ILE D 163 20.26 5.01 12.09
CA ILE D 163 20.92 3.69 12.05
C ILE D 163 21.09 3.19 13.51
N CYS D 164 21.46 4.09 14.43
CA CYS D 164 21.63 3.74 15.86
C CYS D 164 20.33 3.23 16.48
N LYS D 165 19.18 3.76 16.05
CA LYS D 165 17.84 3.27 16.50
C LYS D 165 17.65 1.84 16.05
N GLY D 166 18.08 1.49 14.84
CA GLY D 166 18.07 0.13 14.29
C GLY D 166 18.84 -0.81 15.18
N LEU D 167 20.06 -0.41 15.57
CA LEU D 167 20.97 -1.20 16.43
C LEU D 167 20.33 -1.43 17.79
N VAL D 168 19.75 -0.38 18.40
CA VAL D 168 19.06 -0.49 19.72
C VAL D 168 17.98 -1.56 19.60
N LYS D 169 17.13 -1.48 18.57
CA LYS D 169 15.96 -2.38 18.41
C LYS D 169 16.42 -3.85 18.38
N TYR D 170 17.55 -4.17 17.71
CA TYR D 170 17.92 -5.57 17.35
C TYR D 170 19.14 -6.05 18.14
N ALA D 171 19.62 -5.25 19.10
CA ALA D 171 20.89 -5.47 19.83
C ALA D 171 20.93 -6.86 20.50
N LYS D 172 19.86 -7.26 21.19
CA LYS D 172 19.81 -8.51 21.97
C LYS D 172 19.54 -9.71 21.05
N GLN D 173 18.59 -9.58 20.11
CA GLN D 173 18.29 -10.61 19.07
C GLN D 173 19.55 -10.99 18.29
N SER D 174 20.29 -10.01 17.73
CA SER D 174 21.34 -10.23 16.70
C SER D 174 22.76 -10.21 17.28
N GLY D 175 22.98 -9.55 18.41
CA GLY D 175 24.32 -9.36 18.98
C GLY D 175 25.12 -8.26 18.29
N VAL D 176 24.53 -7.55 17.31
CA VAL D 176 25.19 -6.48 16.53
C VAL D 176 25.55 -5.33 17.49
N ARG D 177 26.73 -4.73 17.30
CA ARG D 177 27.23 -3.59 18.11
C ARG D 177 27.77 -2.51 17.18
N LEU D 178 27.75 -1.25 17.66
CA LEU D 178 28.41 -0.11 16.99
C LEU D 178 29.87 -0.04 17.45
N GLY D 179 30.80 -0.01 16.51
CA GLY D 179 32.25 0.05 16.75
C GLY D 179 32.79 1.44 16.70
N GLY D 180 32.04 2.41 16.16
CA GLY D 180 32.54 3.79 15.99
C GLY D 180 31.92 4.53 14.83
N ILE D 181 32.09 5.85 14.84
CA ILE D 181 31.77 6.76 13.72
C ILE D 181 33.09 7.09 13.03
N ILE D 182 33.12 6.97 11.71
CA ILE D 182 34.23 7.47 10.86
C ILE D 182 33.79 8.83 10.34
N CYS D 183 34.54 9.86 10.66
CA CYS D 183 34.35 11.20 10.06
C CYS D 183 35.03 11.20 8.69
N ASN D 184 34.25 11.17 7.62
CA ASN D 184 34.75 11.44 6.26
C ASN D 184 34.56 12.95 6.04
N SER D 185 35.63 13.72 6.24
CA SER D 185 35.60 15.22 6.29
C SER D 185 34.95 15.79 5.04
N ARG D 186 34.07 16.78 5.21
CA ARG D 186 33.53 17.60 4.10
C ARG D 186 34.18 18.98 4.17
N LYS D 187 35.31 19.12 4.88
CA LYS D 187 36.15 20.34 4.90
C LYS D 187 35.31 21.52 5.41
N VAL D 188 34.62 21.33 6.53
CA VAL D 188 33.72 22.33 7.19
C VAL D 188 34.26 22.57 8.61
N ASP D 189 34.38 23.82 9.06
CA ASP D 189 34.90 24.13 10.44
C ASP D 189 33.86 23.69 11.48
N GLY D 190 34.32 23.15 12.61
CA GLY D 190 33.45 22.64 13.69
C GLY D 190 33.14 21.16 13.55
N GLU D 191 33.31 20.61 12.35
CA GLU D 191 33.08 19.19 12.00
C GLU D 191 33.66 18.25 13.06
N ARG D 192 34.96 18.34 13.38
CA ARG D 192 35.62 17.40 14.30
C ARG D 192 35.01 17.52 15.70
N GLU D 193 34.79 18.76 16.18
CA GLU D 193 34.26 19.06 17.54
C GLU D 193 32.80 18.57 17.61
N PHE D 194 32.03 18.83 16.55
CA PHE D 194 30.63 18.35 16.40
C PHE D 194 30.58 16.83 16.61
N LEU D 195 31.42 16.08 15.91
CA LEU D 195 31.31 14.59 15.89
C LEU D 195 31.89 14.01 17.18
N GLU D 196 32.83 14.70 17.82
CA GLU D 196 33.37 14.31 19.14
C GLU D 196 32.18 14.32 20.12
N GLU D 197 31.38 15.39 20.09
CA GLU D 197 30.20 15.60 20.98
C GLU D 197 29.09 14.59 20.62
N PHE D 198 28.81 14.40 19.32
CA PHE D 198 27.76 13.47 18.85
C PHE D 198 28.10 12.07 19.33
N THR D 199 29.33 11.62 19.11
CA THR D 199 29.78 10.25 19.47
C THR D 199 29.74 10.06 20.99
N ALA D 200 30.19 11.05 21.78
CA ALA D 200 30.14 10.95 23.26
C ALA D 200 28.67 10.79 23.70
N ALA D 201 27.78 11.62 23.15
CA ALA D 201 26.34 11.67 23.48
C ALA D 201 25.65 10.32 23.21
N ILE D 202 25.97 9.65 22.10
CA ILE D 202 25.33 8.33 21.75
C ILE D 202 26.14 7.17 22.35
N GLY D 203 27.27 7.44 22.99
CA GLY D 203 28.03 6.46 23.80
C GLY D 203 29.03 5.68 22.98
N THR D 204 29.52 6.23 21.86
CA THR D 204 30.60 5.60 21.06
C THR D 204 31.76 6.59 20.95
N LYS D 205 32.59 6.43 19.93
CA LYS D 205 33.79 7.25 19.67
C LYS D 205 33.85 7.55 18.17
N MET D 206 34.49 8.65 17.79
CA MET D 206 34.90 8.89 16.39
C MET D 206 36.23 8.16 16.21
N ILE D 207 36.20 7.00 15.57
CA ILE D 207 37.35 6.05 15.50
C ILE D 207 38.46 6.65 14.62
N HIS D 208 38.12 7.48 13.63
CA HIS D 208 39.14 8.08 12.73
C HIS D 208 38.58 9.27 11.95
N PHE D 209 39.42 10.28 11.73
CA PHE D 209 39.10 11.44 10.86
C PHE D 209 39.79 11.23 9.50
N VAL D 210 38.99 10.96 8.47
CA VAL D 210 39.48 10.80 7.07
C VAL D 210 39.43 12.17 6.38
N PRO D 211 40.60 12.76 6.04
CA PRO D 211 40.67 14.02 5.33
C PRO D 211 39.98 13.96 3.97
N ARG D 212 39.38 15.07 3.54
CA ARG D 212 38.99 15.36 2.14
C ARG D 212 40.29 15.62 1.36
N ASP D 213 40.58 14.79 0.37
CA ASP D 213 41.88 14.86 -0.38
C ASP D 213 41.64 14.53 -1.85
N ASN D 214 42.08 15.43 -2.72
CA ASN D 214 41.92 15.42 -4.21
C ASN D 214 42.48 14.13 -4.80
N ILE D 215 43.43 13.52 -4.11
CA ILE D 215 44.08 12.23 -4.52
C ILE D 215 43.01 11.17 -4.75
N VAL D 216 41.87 11.24 -4.04
CA VAL D 216 40.75 10.26 -4.20
C VAL D 216 40.25 10.31 -5.65
N GLN D 217 39.98 11.52 -6.19
CA GLN D 217 39.49 11.70 -7.59
C GLN D 217 40.60 11.37 -8.60
N LYS D 218 41.86 11.67 -8.29
CA LYS D 218 43.01 11.30 -9.16
C LYS D 218 43.05 9.76 -9.26
N ALA D 219 42.90 9.06 -8.12
CA ALA D 219 42.92 7.58 -8.07
C ALA D 219 41.69 7.02 -8.79
N GLU D 220 40.52 7.65 -8.64
CA GLU D 220 39.27 7.19 -9.32
C GLU D 220 39.49 7.24 -10.84
N PHE D 221 40.08 8.33 -11.35
CA PHE D 221 40.36 8.53 -12.79
C PHE D 221 41.26 7.39 -13.32
N ASN D 222 42.16 6.89 -12.47
CA ASN D 222 43.06 5.73 -12.78
C ASN D 222 42.39 4.41 -12.38
N LYS D 223 41.11 4.42 -12.01
CA LYS D 223 40.28 3.22 -11.75
C LYS D 223 40.83 2.45 -10.54
N LYS D 224 41.31 3.18 -9.53
CA LYS D 224 42.06 2.59 -8.39
C LYS D 224 41.64 3.24 -7.08
N THR D 225 41.78 2.49 -6.00
CA THR D 225 41.83 3.02 -4.62
C THR D 225 43.12 3.82 -4.49
N VAL D 226 43.22 4.62 -3.43
CA VAL D 226 44.40 5.46 -3.13
C VAL D 226 45.56 4.55 -2.74
N THR D 227 45.32 3.47 -2.00
CA THR D 227 46.39 2.53 -1.55
C THR D 227 47.00 1.90 -2.80
N GLU D 228 46.21 1.47 -3.78
CA GLU D 228 46.76 0.86 -5.01
C GLU D 228 47.48 1.96 -5.82
N PHE D 229 46.85 3.12 -6.01
CA PHE D 229 47.33 4.21 -6.89
C PHE D 229 48.64 4.82 -6.38
N ALA D 230 48.80 4.98 -5.07
CA ALA D 230 49.86 5.79 -4.44
C ALA D 230 49.97 5.47 -2.95
N PRO D 231 50.51 4.28 -2.59
CA PRO D 231 50.54 3.87 -1.19
C PRO D 231 51.45 4.72 -0.26
N GLU D 232 52.27 5.60 -0.82
CA GLU D 232 53.18 6.48 -0.03
C GLU D 232 52.51 7.82 0.26
N GLU D 233 51.39 8.12 -0.42
CA GLU D 233 50.61 9.36 -0.18
C GLU D 233 50.03 9.32 1.24
N ASN D 234 49.86 10.50 1.84
CA ASN D 234 49.35 10.66 3.22
C ASN D 234 47.99 9.99 3.29
N GLN D 235 47.15 10.14 2.25
CA GLN D 235 45.75 9.64 2.27
C GLN D 235 45.76 8.11 2.36
N ALA D 236 46.68 7.43 1.67
CA ALA D 236 46.85 5.96 1.78
C ALA D 236 47.19 5.61 3.22
N LYS D 237 48.07 6.39 3.85
CA LYS D 237 48.52 6.19 5.25
C LYS D 237 47.34 6.40 6.23
N GLU D 238 46.45 7.33 5.92
CA GLU D 238 45.20 7.57 6.70
C GLU D 238 44.35 6.31 6.67
N TYR D 239 44.17 5.68 5.52
CA TYR D 239 43.37 4.43 5.40
C TYR D 239 44.11 3.28 6.12
N GLY D 240 45.44 3.26 6.05
CA GLY D 240 46.26 2.28 6.77
C GLY D 240 46.05 2.39 8.28
N GLU D 241 45.93 3.65 8.75
CA GLU D 241 45.68 3.94 10.18
C GLU D 241 44.25 3.55 10.56
N LEU D 242 43.25 3.91 9.73
CA LEU D 242 41.86 3.49 9.96
C LEU D 242 41.81 1.96 10.02
N ALA D 243 42.48 1.29 9.08
CA ALA D 243 42.56 -0.18 9.00
C ALA D 243 43.10 -0.73 10.33
N ARG D 244 44.18 -0.13 10.86
CA ARG D 244 44.82 -0.57 12.13
C ARG D 244 43.82 -0.51 13.29
N LYS D 245 43.12 0.62 13.41
CA LYS D 245 42.19 0.91 14.53
C LYS D 245 40.97 -0.02 14.45
N ILE D 246 40.54 -0.39 13.25
CA ILE D 246 39.45 -1.41 13.06
C ILE D 246 39.99 -2.77 13.52
N ILE D 247 41.16 -3.19 13.06
CA ILE D 247 41.78 -4.48 13.50
C ILE D 247 41.80 -4.49 15.03
N GLU D 248 42.23 -3.41 15.68
CA GLU D 248 42.52 -3.40 17.14
C GLU D 248 41.29 -3.00 17.96
N ASN D 249 40.19 -2.62 17.32
CA ASN D 249 39.01 -2.08 18.06
C ASN D 249 38.51 -3.14 19.05
N ASP D 250 38.29 -2.77 20.30
CA ASP D 250 37.66 -3.66 21.31
C ASP D 250 36.49 -2.95 22.00
N GLU D 251 36.04 -1.79 21.47
CA GLU D 251 34.95 -0.97 22.07
C GLU D 251 33.72 -1.03 21.19
N PHE D 252 32.82 -1.97 21.49
CA PHE D 252 31.57 -2.24 20.76
C PHE D 252 30.39 -1.98 21.69
N VAL D 253 29.49 -1.05 21.33
CA VAL D 253 28.40 -0.56 22.21
C VAL D 253 27.02 -0.76 21.57
N ILE D 254 26.01 -0.76 22.42
CA ILE D 254 24.62 -0.44 22.04
C ILE D 254 24.52 1.06 22.21
N PRO D 255 24.30 1.82 21.12
CA PRO D 255 24.32 3.27 21.21
C PRO D 255 23.05 3.82 21.88
N LYS D 256 23.05 5.11 22.19
CA LYS D 256 21.95 5.86 22.85
C LYS D 256 21.50 6.95 21.89
N PRO D 257 20.54 6.64 20.99
CA PRO D 257 20.10 7.61 19.99
C PRO D 257 19.53 8.90 20.61
N LEU D 258 19.66 10.02 19.91
CA LEU D 258 19.22 11.35 20.36
C LEU D 258 17.81 11.61 19.85
N THR D 259 17.11 12.59 20.42
CA THR D 259 15.82 13.11 19.89
C THR D 259 16.15 14.05 18.72
N MET D 260 15.18 14.35 17.86
CA MET D 260 15.32 15.38 16.80
C MET D 260 15.78 16.72 17.42
N ASP D 261 15.23 17.09 18.58
CA ASP D 261 15.55 18.40 19.24
C ASP D 261 17.04 18.41 19.60
N GLN D 262 17.57 17.33 20.17
CA GLN D 262 18.98 17.21 20.57
C GLN D 262 19.88 17.31 19.33
N LEU D 263 19.55 16.64 18.22
CA LEU D 263 20.35 16.76 16.97
C LEU D 263 20.36 18.23 16.51
N GLU D 264 19.19 18.87 16.43
CA GLU D 264 19.07 20.29 15.98
C GLU D 264 19.86 21.22 16.90
N ASP D 265 19.78 21.03 18.21
CA ASP D 265 20.50 21.86 19.22
C ASP D 265 22.01 21.65 19.03
N MET D 266 22.46 20.43 18.78
CA MET D 266 23.91 20.13 18.64
C MET D 266 24.48 20.70 17.33
N VAL D 267 23.69 20.71 16.25
CA VAL D 267 24.07 21.37 14.96
C VAL D 267 24.27 22.89 15.21
N VAL D 268 23.33 23.55 15.87
CA VAL D 268 23.45 25.03 16.07
C VAL D 268 24.57 25.34 17.07
N LYS D 269 24.87 24.44 18.01
CA LYS D 269 25.94 24.61 19.01
C LYS D 269 27.31 24.72 18.34
N TYR D 270 27.54 24.03 17.21
CA TYR D 270 28.87 24.01 16.54
C TYR D 270 28.84 24.84 15.27
N GLY D 271 27.72 25.51 14.99
CA GLY D 271 27.57 26.42 13.83
C GLY D 271 27.84 25.68 12.53
N ILE D 272 27.36 24.44 12.44
CA ILE D 272 27.36 23.61 11.20
C ILE D 272 26.20 24.13 10.35
N ALA D 273 26.47 24.55 9.10
CA ALA D 273 25.49 24.93 8.05
C ALA D 273 25.50 23.86 6.96
#